data_4FI4
#
_entry.id   4FI4
#
_cell.length_a   137.617
_cell.length_b   137.617
_cell.length_c   264.696
_cell.angle_alpha   90.00
_cell.angle_beta   90.00
_cell.angle_gamma   90.00
#
_symmetry.space_group_name_H-M   'I 4 2 2'
#
loop_
_entity.id
_entity.type
_entity.pdbx_description
1 polymer 'Mandelate racemase/muconate lactonizing protein'
2 non-polymer 'MAGNESIUM ION'
3 non-polymer GLYCEROL
4 non-polymer 'CHLORIDE ION'
5 non-polymer 'UNKNOWN LIGAND'
6 water water
#
_entity_poly.entity_id   1
_entity_poly.type   'polypeptide(L)'
_entity_poly.pdbx_seq_one_letter_code
;MHHHHHHSSGVDLGTENLYFQSMLKIIDAKVIVTCPGRNFVTLKITTSDGVTGVGDATLNGRELAVVSYLRDHMIPCLIG
RDAHRIEDVWQFFYRGSYWRGGPVAMTALAAVDMALWDIKAKLAGMPLYQLLGGACREGVMVYGHANGETIEDTIAEARK
YQALGYKAIRLQSGVPGLPSTYGVSGDKMFYEPADGNLPTENVWSTSKYLKHAPKLFEAAREALGDDVHLLHDVHHRLTP
IEAGRLGKDLEPYRLFWLEDAVPAENQAGFRLIRQHTTTPLAVGEIFSHVWDCKQLIEEQLIDYLRATVLHAGGITNLRK
IAAFADLHHVRTGCHGATDLSPITMAAALHFDLSVSNFGLQEYMRHTPETDAVFPHAYSYKDGMLHPGEAPGLGVDIDEA
LAGQYPYKRAYLPVNRLEDGTMYNW
;
_entity_poly.pdbx_strand_id   A,B,C
#
# COMPACT_ATOMS: atom_id res chain seq x y z
N TYR A 19 -40.27 -33.45 -27.72
CA TYR A 19 -40.14 -32.53 -26.60
C TYR A 19 -41.47 -31.95 -26.16
N PHE A 20 -41.52 -31.50 -24.92
CA PHE A 20 -42.71 -30.90 -24.34
C PHE A 20 -42.31 -29.62 -23.65
N GLN A 21 -43.27 -28.74 -23.45
CA GLN A 21 -42.99 -27.50 -22.77
C GLN A 21 -42.56 -27.91 -21.39
N SER A 22 -41.50 -27.34 -20.88
CA SER A 22 -41.11 -27.80 -19.59
C SER A 22 -41.49 -26.73 -18.62
N MET A 23 -42.22 -27.11 -17.59
CA MET A 23 -42.50 -26.17 -16.52
C MET A 23 -41.63 -26.55 -15.36
N LEU A 24 -40.87 -25.59 -14.93
CA LEU A 24 -40.07 -25.72 -13.78
C LEU A 24 -40.80 -24.88 -12.76
N LYS A 25 -41.57 -25.50 -11.90
CA LYS A 25 -42.32 -24.76 -10.91
C LYS A 25 -41.48 -24.17 -9.80
N ILE A 26 -41.85 -22.97 -9.36
CA ILE A 26 -41.31 -22.42 -8.13
C ILE A 26 -41.97 -23.11 -6.94
N ILE A 27 -41.17 -23.75 -6.10
CA ILE A 27 -41.72 -24.45 -4.95
C ILE A 27 -41.53 -23.71 -3.65
N ASP A 28 -40.65 -22.71 -3.64
CA ASP A 28 -40.43 -21.95 -2.40
C ASP A 28 -39.75 -20.62 -2.69
N ALA A 29 -39.90 -19.66 -1.80
CA ALA A 29 -39.23 -18.41 -1.98
C ALA A 29 -39.17 -17.77 -0.62
N LYS A 30 -38.01 -17.31 -0.24
CA LYS A 30 -37.90 -16.68 1.05
CA LYS A 30 -37.77 -16.80 1.10
C LYS A 30 -37.00 -15.46 1.09
N VAL A 31 -37.21 -14.62 2.07
CA VAL A 31 -36.48 -13.40 2.22
C VAL A 31 -35.57 -13.51 3.43
N ILE A 32 -34.28 -13.27 3.22
CA ILE A 32 -33.29 -13.35 4.29
C ILE A 32 -32.73 -11.98 4.52
N VAL A 33 -32.71 -11.55 5.78
CA VAL A 33 -32.14 -10.25 6.13
C VAL A 33 -30.85 -10.47 6.93
N THR A 34 -29.79 -9.75 6.57
CA THR A 34 -28.53 -9.92 7.27
C THR A 34 -27.80 -8.57 7.35
N CYS A 35 -26.90 -8.42 8.32
CA CYS A 35 -26.15 -7.19 8.47
C CYS A 35 -24.66 -7.44 8.69
N PRO A 36 -23.97 -7.98 7.68
CA PRO A 36 -22.54 -8.24 7.76
C PRO A 36 -21.74 -6.96 7.49
N GLY A 37 -21.95 -5.95 8.33
CA GLY A 37 -21.34 -4.64 8.09
C GLY A 37 -22.34 -3.57 7.69
N ARG A 38 -23.40 -3.97 6.99
CA ARG A 38 -24.54 -3.07 6.74
C ARG A 38 -25.70 -3.97 6.40
N ASN A 39 -26.92 -3.41 6.35
CA ASN A 39 -28.09 -4.21 6.01
C ASN A 39 -28.19 -4.67 4.55
N PHE A 40 -28.49 -5.96 4.37
CA PHE A 40 -28.84 -6.49 3.05
C PHE A 40 -30.08 -7.37 3.10
N VAL A 41 -30.94 -7.22 2.11
CA VAL A 41 -32.13 -8.07 1.96
C VAL A 41 -32.00 -8.92 0.70
N THR A 42 -32.28 -10.21 0.84
CA THR A 42 -32.08 -11.15 -0.26
C THR A 42 -33.30 -12.03 -0.45
N LEU A 43 -33.62 -12.32 -1.71
CA LEU A 43 -34.69 -13.25 -2.06
C LEU A 43 -34.04 -14.53 -2.57
N LYS A 44 -34.52 -15.68 -2.13
CA LYS A 44 -34.01 -16.92 -2.68
C LYS A 44 -35.19 -17.73 -3.13
N ILE A 45 -35.17 -18.10 -4.41
CA ILE A 45 -36.25 -18.87 -5.02
C ILE A 45 -35.74 -20.28 -5.25
N THR A 46 -36.54 -21.29 -4.90
CA THR A 46 -36.21 -22.70 -5.17
C THR A 46 -37.21 -23.28 -6.16
N THR A 47 -36.71 -23.99 -7.17
CA THR A 47 -37.58 -24.65 -8.15
C THR A 47 -37.68 -26.17 -7.89
N SER A 48 -38.57 -26.83 -8.61
CA SER A 48 -38.94 -28.24 -8.37
CA SER A 48 -38.93 -28.23 -8.31
C SER A 48 -37.74 -29.19 -8.29
N ASP A 49 -36.77 -29.01 -9.17
CA ASP A 49 -35.59 -29.87 -9.16
C ASP A 49 -34.45 -29.41 -8.27
N GLY A 50 -34.71 -28.44 -7.40
CA GLY A 50 -33.67 -28.00 -6.44
C GLY A 50 -32.80 -26.86 -6.94
N VAL A 51 -32.89 -26.51 -8.22
CA VAL A 51 -32.16 -25.33 -8.72
C VAL A 51 -32.69 -24.07 -8.04
N THR A 52 -31.77 -23.25 -7.53
CA THR A 52 -32.13 -22.04 -6.78
C THR A 52 -31.57 -20.79 -7.47
N GLY A 53 -32.15 -19.63 -7.17
CA GLY A 53 -31.64 -18.36 -7.67
C GLY A 53 -31.79 -17.33 -6.58
N VAL A 54 -30.94 -16.31 -6.56
CA VAL A 54 -31.07 -15.28 -5.55
C VAL A 54 -31.14 -13.90 -6.20
N GLY A 55 -31.75 -12.96 -5.50
CA GLY A 55 -31.80 -11.59 -5.99
C GLY A 55 -31.65 -10.67 -4.81
N ASP A 56 -31.04 -9.52 -5.04
CA ASP A 56 -30.88 -8.49 -4.04
C ASP A 56 -32.17 -7.67 -3.96
N ALA A 57 -32.61 -7.31 -2.76
CA ALA A 57 -33.82 -6.49 -2.60
C ALA A 57 -33.57 -5.34 -1.64
N THR A 58 -32.30 -4.99 -1.47
CA THR A 58 -31.90 -4.02 -0.47
C THR A 58 -32.30 -2.62 -0.88
N LEU A 59 -33.04 -1.93 -0.01
CA LEU A 59 -33.41 -0.53 -0.23
C LEU A 59 -32.92 0.27 0.97
N ASN A 60 -31.76 0.89 0.80
CA ASN A 60 -31.04 1.48 1.90
C ASN A 60 -31.89 2.42 2.74
N GLY A 61 -32.05 2.12 4.02
CA GLY A 61 -32.78 3.03 4.90
C GLY A 61 -34.29 2.80 5.00
N ARG A 62 -34.81 1.93 4.14
CA ARG A 62 -36.22 1.57 4.13
C ARG A 62 -36.29 0.06 3.91
N GLU A 63 -35.28 -0.66 4.39
CA GLU A 63 -35.10 -2.06 4.05
C GLU A 63 -36.33 -2.93 4.31
N LEU A 64 -36.99 -2.74 5.45
CA LEU A 64 -38.02 -3.69 5.88
C LEU A 64 -39.34 -3.50 5.16
N ALA A 65 -39.54 -2.33 4.58
CA ALA A 65 -40.70 -2.12 3.72
C ALA A 65 -40.68 -3.11 2.53
N VAL A 66 -39.50 -3.32 1.96
CA VAL A 66 -39.34 -4.26 0.83
C VAL A 66 -39.46 -5.71 1.30
N VAL A 67 -38.95 -5.98 2.51
CA VAL A 67 -39.13 -7.30 3.10
C VAL A 67 -40.61 -7.66 3.18
N SER A 68 -41.43 -6.73 3.66
CA SER A 68 -42.87 -7.01 3.80
C SER A 68 -43.54 -7.06 2.41
N TYR A 69 -43.20 -6.11 1.55
CA TYR A 69 -43.70 -6.16 0.17
C TYR A 69 -43.51 -7.56 -0.44
N LEU A 70 -42.31 -8.13 -0.28
CA LEU A 70 -42.06 -9.49 -0.79
C LEU A 70 -42.82 -10.58 0.01
N ARG A 71 -42.52 -10.69 1.31
CA ARG A 71 -43.07 -11.76 2.17
C ARG A 71 -44.59 -11.78 2.24
N ASP A 72 -45.17 -10.60 2.43
CA ASP A 72 -46.59 -10.51 2.70
C ASP A 72 -47.46 -10.42 1.47
N HIS A 73 -46.89 -9.94 0.37
CA HIS A 73 -47.71 -9.73 -0.83
C HIS A 73 -47.24 -10.45 -2.09
N MET A 74 -46.00 -10.26 -2.49
CA MET A 74 -45.55 -10.86 -3.75
C MET A 74 -45.31 -12.37 -3.68
N ILE A 75 -44.67 -12.85 -2.62
CA ILE A 75 -44.19 -14.23 -2.64
C ILE A 75 -45.31 -15.26 -2.74
N PRO A 76 -46.40 -15.06 -1.99
CA PRO A 76 -47.51 -15.99 -2.11
C PRO A 76 -48.04 -16.09 -3.54
N CYS A 77 -47.90 -15.05 -4.35
CA CYS A 77 -48.36 -15.13 -5.76
C CYS A 77 -47.32 -15.82 -6.63
N LEU A 78 -46.10 -15.91 -6.10
CA LEU A 78 -44.98 -16.44 -6.86
C LEU A 78 -44.95 -17.98 -6.81
N ILE A 79 -45.34 -18.53 -5.66
CA ILE A 79 -45.25 -19.98 -5.44
C ILE A 79 -46.06 -20.72 -6.47
N GLY A 80 -45.48 -21.75 -7.09
CA GLY A 80 -46.23 -22.57 -8.02
C GLY A 80 -46.24 -22.01 -9.44
N ARG A 81 -45.67 -20.83 -9.64
CA ARG A 81 -45.52 -20.31 -11.00
C ARG A 81 -44.43 -21.01 -11.79
N ASP A 82 -44.56 -20.98 -13.12
CA ASP A 82 -43.52 -21.46 -14.03
C ASP A 82 -42.31 -20.51 -13.98
N ALA A 83 -41.18 -21.00 -13.48
CA ALA A 83 -39.99 -20.17 -13.28
C ALA A 83 -39.37 -19.71 -14.61
N HIS A 84 -39.69 -20.40 -15.70
CA HIS A 84 -39.18 -20.02 -17.00
C HIS A 84 -39.80 -18.70 -17.52
N ARG A 85 -40.97 -18.32 -17.04
CA ARG A 85 -41.70 -17.18 -17.60
CA ARG A 85 -41.73 -17.18 -17.56
C ARG A 85 -41.28 -15.85 -16.97
N ILE A 86 -40.09 -15.40 -17.35
CA ILE A 86 -39.49 -14.24 -16.70
C ILE A 86 -40.24 -12.96 -17.02
N GLU A 87 -40.43 -12.72 -18.31
CA GLU A 87 -41.15 -11.52 -18.76
C GLU A 87 -42.57 -11.50 -18.22
N ASP A 88 -43.24 -12.65 -18.21
CA ASP A 88 -44.63 -12.69 -17.78
C ASP A 88 -44.76 -12.37 -16.28
N VAL A 89 -43.87 -12.97 -15.48
CA VAL A 89 -43.81 -12.66 -14.07
C VAL A 89 -43.54 -11.16 -13.84
N TRP A 90 -42.66 -10.59 -14.66
CA TRP A 90 -42.30 -9.19 -14.52
C TRP A 90 -43.55 -8.35 -14.74
N GLN A 91 -44.26 -8.59 -15.84
CA GLN A 91 -45.48 -7.84 -16.15
C GLN A 91 -46.56 -8.12 -15.11
N PHE A 92 -46.63 -9.37 -14.66
CA PHE A 92 -47.58 -9.72 -13.61
C PHE A 92 -47.43 -8.86 -12.37
N PHE A 93 -46.22 -8.70 -11.86
CA PHE A 93 -46.05 -7.90 -10.66
C PHE A 93 -46.07 -6.41 -10.97
N TYR A 94 -45.56 -6.02 -12.12
CA TYR A 94 -45.52 -4.59 -12.41
C TYR A 94 -46.92 -3.99 -12.61
N ARG A 95 -47.74 -4.66 -13.42
CA ARG A 95 -49.11 -4.22 -13.65
C ARG A 95 -50.04 -4.65 -12.53
N GLY A 96 -49.83 -5.85 -12.01
CA GLY A 96 -50.77 -6.41 -11.05
C GLY A 96 -50.85 -5.75 -9.69
N SER A 97 -49.79 -5.08 -9.28
CA SER A 97 -49.80 -4.34 -8.01
C SER A 97 -50.84 -3.22 -8.05
N TYR A 98 -51.31 -2.91 -9.26
CA TYR A 98 -52.29 -1.82 -9.49
C TYR A 98 -51.72 -0.42 -9.28
N TRP A 99 -51.21 -0.15 -8.09
CA TRP A 99 -50.38 1.02 -7.83
C TRP A 99 -49.04 0.70 -8.45
N ARG A 100 -48.64 1.46 -9.47
CA ARG A 100 -47.52 1.06 -10.33
C ARG A 100 -46.19 1.67 -9.95
N GLY A 101 -45.13 0.86 -9.98
CA GLY A 101 -43.76 1.37 -9.81
C GLY A 101 -43.43 1.85 -8.42
N GLY A 102 -42.44 2.73 -8.32
CA GLY A 102 -41.98 3.18 -7.00
C GLY A 102 -40.81 2.35 -6.51
N PRO A 103 -39.96 2.96 -5.66
CA PRO A 103 -38.74 2.26 -5.27
C PRO A 103 -39.00 0.95 -4.54
N VAL A 104 -40.03 0.90 -3.69
CA VAL A 104 -40.25 -0.33 -2.93
C VAL A 104 -40.65 -1.48 -3.88
N ALA A 105 -41.70 -1.25 -4.66
CA ALA A 105 -42.19 -2.25 -5.58
C ALA A 105 -41.16 -2.65 -6.63
N MET A 106 -40.41 -1.68 -7.17
CA MET A 106 -39.48 -2.01 -8.26
C MET A 106 -38.22 -2.70 -7.73
N THR A 107 -37.91 -2.45 -6.46
CA THR A 107 -36.74 -3.07 -5.86
C THR A 107 -37.14 -4.52 -5.52
N ALA A 108 -38.38 -4.70 -5.07
CA ALA A 108 -38.92 -6.03 -4.78
C ALA A 108 -38.97 -6.83 -6.06
N LEU A 109 -39.46 -6.19 -7.13
CA LEU A 109 -39.51 -6.85 -8.43
C LEU A 109 -38.09 -7.14 -8.94
N ALA A 110 -37.14 -6.23 -8.71
CA ALA A 110 -35.75 -6.50 -9.12
C ALA A 110 -35.23 -7.81 -8.50
N ALA A 111 -35.55 -8.07 -7.23
CA ALA A 111 -35.07 -9.30 -6.60
C ALA A 111 -35.62 -10.52 -7.31
N VAL A 112 -36.91 -10.48 -7.63
CA VAL A 112 -37.53 -11.59 -8.35
C VAL A 112 -36.84 -11.79 -9.71
N ASP A 113 -36.68 -10.72 -10.46
CA ASP A 113 -36.09 -10.80 -11.80
C ASP A 113 -34.67 -11.35 -11.80
N MET A 114 -33.85 -10.88 -10.87
CA MET A 114 -32.47 -11.34 -10.72
C MET A 114 -32.49 -12.81 -10.41
N ALA A 115 -33.29 -13.23 -9.43
CA ALA A 115 -33.34 -14.66 -9.08
C ALA A 115 -33.79 -15.55 -10.25
N LEU A 116 -34.81 -15.12 -10.99
CA LEU A 116 -35.26 -15.91 -12.15
C LEU A 116 -34.22 -15.99 -13.28
N TRP A 117 -33.50 -14.90 -13.53
CA TRP A 117 -32.44 -14.94 -14.53
C TRP A 117 -31.26 -15.81 -14.04
N ASP A 118 -31.00 -15.80 -12.74
CA ASP A 118 -29.97 -16.67 -12.15
C ASP A 118 -30.36 -18.11 -12.52
N ILE A 119 -31.59 -18.49 -12.18
CA ILE A 119 -32.11 -19.81 -12.50
C ILE A 119 -32.03 -20.15 -13.97
N LYS A 120 -32.42 -19.21 -14.83
CA LYS A 120 -32.43 -19.46 -16.27
C LYS A 120 -31.05 -19.78 -16.78
N ALA A 121 -30.03 -19.03 -16.31
CA ALA A 121 -28.69 -19.23 -16.83
C ALA A 121 -28.11 -20.54 -16.28
N LYS A 122 -28.42 -20.87 -15.04
CA LYS A 122 -28.03 -22.17 -14.49
C LYS A 122 -28.60 -23.35 -15.30
N LEU A 123 -29.87 -23.27 -15.70
CA LEU A 123 -30.47 -24.32 -16.53
C LEU A 123 -29.82 -24.38 -17.89
N ALA A 124 -29.35 -23.22 -18.36
CA ALA A 124 -28.72 -23.16 -19.67
C ALA A 124 -27.26 -23.63 -19.60
N GLY A 125 -26.75 -23.73 -18.39
CA GLY A 125 -25.37 -24.09 -18.13
C GLY A 125 -24.39 -22.97 -18.45
N MET A 126 -24.83 -21.71 -18.39
CA MET A 126 -23.97 -20.61 -18.81
C MET A 126 -23.93 -19.47 -17.80
N PRO A 127 -22.83 -18.71 -17.81
CA PRO A 127 -22.86 -17.48 -17.04
C PRO A 127 -23.92 -16.57 -17.68
N LEU A 128 -24.61 -15.75 -16.88
CA LEU A 128 -25.77 -15.01 -17.37
C LEU A 128 -25.43 -14.14 -18.59
N TYR A 129 -24.27 -13.50 -18.61
CA TYR A 129 -24.00 -12.62 -19.75
C TYR A 129 -24.12 -13.34 -21.10
N GLN A 130 -23.92 -14.65 -21.14
CA GLN A 130 -24.06 -15.38 -22.40
C GLN A 130 -25.51 -15.40 -22.93
N LEU A 131 -26.49 -15.28 -22.02
CA LEU A 131 -27.91 -15.21 -22.41
C LEU A 131 -28.31 -13.80 -22.87
N LEU A 132 -27.52 -12.81 -22.51
CA LEU A 132 -27.89 -11.41 -22.71
C LEU A 132 -27.15 -10.82 -23.89
N GLY A 133 -26.62 -11.68 -24.74
CA GLY A 133 -26.00 -11.22 -25.97
C GLY A 133 -24.53 -11.59 -26.06
N GLY A 134 -23.95 -12.14 -24.99
CA GLY A 134 -22.53 -12.47 -24.99
C GLY A 134 -21.67 -11.27 -24.62
N ALA A 135 -20.37 -11.49 -24.52
CA ALA A 135 -19.43 -10.45 -24.08
C ALA A 135 -19.21 -9.44 -25.18
N CYS A 136 -19.22 -8.17 -24.81
CA CYS A 136 -18.94 -7.09 -25.76
C CYS A 136 -17.60 -6.44 -25.46
N ARG A 137 -16.94 -6.91 -24.41
CA ARG A 137 -15.69 -6.29 -23.96
C ARG A 137 -14.97 -7.27 -23.07
N GLU A 138 -13.70 -7.02 -22.81
CA GLU A 138 -12.88 -7.99 -22.08
C GLU A 138 -13.08 -7.84 -20.58
N GLY A 139 -13.56 -6.68 -20.15
CA GLY A 139 -13.95 -6.49 -18.76
C GLY A 139 -14.67 -5.18 -18.58
N VAL A 140 -15.07 -4.89 -17.33
CA VAL A 140 -15.92 -3.76 -17.02
C VAL A 140 -15.14 -2.67 -16.28
N MET A 141 -14.87 -1.55 -16.97
CA MET A 141 -14.16 -0.44 -16.32
C MET A 141 -14.94 0.09 -15.10
N VAL A 142 -14.23 0.31 -13.99
CA VAL A 142 -14.87 0.76 -12.76
C VAL A 142 -14.28 2.10 -12.29
N TYR A 143 -14.97 2.78 -11.36
CA TYR A 143 -14.33 3.87 -10.66
C TYR A 143 -14.47 3.66 -9.19
N GLY A 144 -13.50 4.18 -8.46
CA GLY A 144 -13.56 4.18 -7.01
C GLY A 144 -13.75 5.58 -6.47
N HIS A 145 -13.66 5.68 -5.15
CA HIS A 145 -14.10 6.86 -4.44
C HIS A 145 -13.01 7.50 -3.60
N ALA A 146 -12.42 8.56 -4.12
CA ALA A 146 -11.44 9.34 -3.38
C ALA A 146 -12.16 10.43 -2.64
N ASN A 147 -12.09 10.39 -1.32
CA ASN A 147 -12.65 11.47 -0.53
C ASN A 147 -11.65 11.98 0.50
N GLY A 148 -11.81 13.23 0.92
CA GLY A 148 -10.95 13.76 1.96
C GLY A 148 -11.52 15.06 2.45
N GLU A 149 -11.14 15.47 3.67
CA GLU A 149 -11.66 16.69 4.23
C GLU A 149 -11.14 17.93 3.50
N THR A 150 -9.94 17.84 2.95
CA THR A 150 -9.35 18.95 2.21
C THR A 150 -9.07 18.46 0.80
N ILE A 151 -8.84 19.40 -0.11
CA ILE A 151 -8.40 19.02 -1.45
C ILE A 151 -7.16 18.14 -1.42
N GLU A 152 -6.22 18.46 -0.53
CA GLU A 152 -4.96 17.73 -0.45
C GLU A 152 -5.15 16.27 -0.05
N ASP A 153 -6.01 16.07 0.91
CA ASP A 153 -6.35 14.74 1.36
C ASP A 153 -7.10 13.99 0.25
N THR A 154 -7.94 14.70 -0.49
CA THR A 154 -8.71 14.04 -1.54
C THR A 154 -7.74 13.58 -2.64
N ILE A 155 -6.82 14.45 -3.00
CA ILE A 155 -5.84 14.11 -4.03
C ILE A 155 -4.94 12.95 -3.58
N ALA A 156 -4.61 12.89 -2.29
CA ALA A 156 -3.77 11.82 -1.75
C ALA A 156 -4.49 10.49 -1.89
N GLU A 157 -5.79 10.50 -1.61
CA GLU A 157 -6.61 9.32 -1.77
C GLU A 157 -6.71 8.93 -3.23
N ALA A 158 -6.89 9.90 -4.12
CA ALA A 158 -6.91 9.58 -5.56
C ALA A 158 -5.61 8.93 -6.05
N ARG A 159 -4.47 9.31 -5.49
CA ARG A 159 -3.21 8.69 -5.93
C ARG A 159 -3.19 7.21 -5.58
N LYS A 160 -3.81 6.86 -4.46
CA LYS A 160 -3.84 5.48 -4.06
C LYS A 160 -4.68 4.69 -5.04
N TYR A 161 -5.80 5.26 -5.49
CA TYR A 161 -6.61 4.58 -6.48
C TYR A 161 -5.86 4.41 -7.78
N GLN A 162 -5.08 5.40 -8.16
CA GLN A 162 -4.28 5.25 -9.37
C GLN A 162 -3.32 4.10 -9.18
N ALA A 163 -2.70 4.03 -8.02
CA ALA A 163 -1.70 2.99 -7.78
C ALA A 163 -2.36 1.62 -7.79
N LEU A 164 -3.67 1.60 -7.52
CA LEU A 164 -4.43 0.35 -7.54
C LEU A 164 -4.90 -0.05 -8.94
N GLY A 165 -4.53 0.75 -9.95
CA GLY A 165 -4.90 0.43 -11.33
C GLY A 165 -6.25 1.00 -11.77
N TYR A 166 -6.90 1.78 -10.92
CA TYR A 166 -8.19 2.38 -11.31
C TYR A 166 -7.98 3.42 -12.39
N LYS A 167 -8.73 3.31 -13.48
CA LYS A 167 -8.58 4.24 -14.59
C LYS A 167 -9.54 5.41 -14.44
N ALA A 168 -10.42 5.35 -13.43
CA ALA A 168 -11.46 6.35 -13.26
C ALA A 168 -11.64 6.51 -11.77
N ILE A 169 -11.78 7.76 -11.34
CA ILE A 169 -11.86 8.03 -9.92
C ILE A 169 -12.81 9.16 -9.64
N ARG A 170 -13.74 8.94 -8.73
CA ARG A 170 -14.58 10.02 -8.27
C ARG A 170 -13.92 10.80 -7.14
N LEU A 171 -13.88 12.13 -7.27
CA LEU A 171 -13.28 12.95 -6.23
C LEU A 171 -14.33 13.73 -5.47
N GLN A 172 -14.26 13.69 -4.14
CA GLN A 172 -15.19 14.46 -3.32
C GLN A 172 -14.40 15.06 -2.14
N SER A 173 -14.55 16.34 -1.92
CA SER A 173 -13.77 16.99 -0.88
C SER A 173 -14.67 17.78 0.07
N GLY A 174 -14.23 17.94 1.30
CA GLY A 174 -14.98 18.77 2.25
C GLY A 174 -15.07 20.20 1.74
N VAL A 175 -16.13 20.91 2.10
CA VAL A 175 -16.25 22.30 1.66
C VAL A 175 -15.81 23.20 2.82
N PRO A 176 -14.81 24.04 2.59
CA PRO A 176 -14.38 24.83 3.75
C PRO A 176 -15.54 25.68 4.29
N GLY A 177 -15.67 25.73 5.62
CA GLY A 177 -16.78 26.46 6.23
C GLY A 177 -18.00 25.59 6.46
N LEU A 178 -17.92 24.32 6.06
CA LEU A 178 -19.02 23.37 6.29
C LEU A 178 -18.48 22.13 7.02
N PRO A 179 -19.10 21.76 8.14
CA PRO A 179 -18.69 20.61 8.95
C PRO A 179 -18.62 19.28 8.17
N SER A 180 -19.45 19.14 7.13
CA SER A 180 -19.50 17.92 6.33
C SER A 180 -20.11 18.13 4.93
N THR A 181 -19.86 17.18 4.03
CA THR A 181 -20.46 17.20 2.68
C THR A 181 -20.55 15.77 2.14
N TYR A 182 -21.31 15.55 1.05
CA TYR A 182 -21.43 14.18 0.55
C TYR A 182 -20.11 13.59 0.06
N GLY A 183 -19.88 12.32 0.39
CA GLY A 183 -18.74 11.59 -0.14
C GLY A 183 -17.50 11.63 0.74
N VAL A 184 -17.51 12.51 1.73
CA VAL A 184 -16.36 12.70 2.62
C VAL A 184 -16.59 12.09 4.00
N SER A 185 -15.82 11.04 4.32
CA SER A 185 -15.91 10.37 5.62
C SER A 185 -14.59 9.69 5.99
N GLY A 186 -14.59 8.99 7.12
CA GLY A 186 -13.42 8.23 7.58
C GLY A 186 -13.15 6.98 6.77
N ASP A 187 -14.18 6.50 6.05
CA ASP A 187 -14.04 5.37 5.13
C ASP A 187 -13.26 5.77 3.88
N LYS A 188 -12.28 4.95 3.49
CA LYS A 188 -11.40 5.30 2.36
C LYS A 188 -11.70 4.54 1.06
N MET A 189 -11.83 3.23 1.16
CA MET A 189 -12.07 2.34 0.00
C MET A 189 -13.56 2.27 -0.35
N PHE A 190 -14.37 2.93 0.45
CA PHE A 190 -15.82 2.98 0.27
C PHE A 190 -16.40 4.12 1.10
N TYR A 191 -17.67 4.45 0.89
CA TYR A 191 -18.36 5.45 1.69
C TYR A 191 -19.63 4.78 2.24
N GLU A 192 -19.82 4.80 3.54
CA GLU A 192 -20.95 4.12 4.17
C GLU A 192 -21.76 5.11 5.01
N PRO A 193 -22.61 5.85 4.32
CA PRO A 193 -23.47 6.92 4.85
C PRO A 193 -24.59 6.53 5.84
N ALA A 194 -25.17 5.34 5.73
CA ALA A 194 -26.31 4.99 6.55
C ALA A 194 -25.75 4.63 7.91
N ASP A 195 -25.53 5.66 8.69
CA ASP A 195 -24.72 5.57 9.90
C ASP A 195 -25.44 6.06 11.15
N GLY A 196 -26.73 6.34 11.02
CA GLY A 196 -27.50 6.84 12.14
C GLY A 196 -28.56 5.86 12.56
N ASN A 197 -28.65 5.63 13.87
CA ASN A 197 -29.78 4.95 14.49
C ASN A 197 -31.00 5.88 14.32
N LEU A 198 -30.69 7.16 14.08
CA LEU A 198 -31.61 8.11 13.47
C LEU A 198 -30.78 8.84 12.44
N PRO A 199 -31.42 9.54 11.50
CA PRO A 199 -30.64 10.16 10.42
C PRO A 199 -29.75 11.31 10.93
N THR A 200 -28.48 11.29 10.53
CA THR A 200 -27.56 12.40 10.78
C THR A 200 -28.01 13.64 10.01
N GLU A 201 -28.02 14.79 10.68
CA GLU A 201 -28.37 16.07 10.05
C GLU A 201 -27.10 16.79 9.60
N ASN A 202 -27.12 17.30 8.37
CA ASN A 202 -25.97 18.01 7.84
C ASN A 202 -26.40 19.43 7.49
N VAL A 203 -25.46 20.34 7.35
CA VAL A 203 -25.81 21.72 6.96
C VAL A 203 -25.16 21.99 5.61
N TRP A 204 -25.76 22.86 4.81
CA TRP A 204 -25.31 23.04 3.41
C TRP A 204 -25.30 24.50 2.99
N SER A 205 -24.30 24.85 2.18
CA SER A 205 -24.22 26.15 1.51
C SER A 205 -23.82 25.97 0.05
N THR A 206 -24.73 26.28 -0.87
CA THR A 206 -24.46 26.11 -2.28
C THR A 206 -23.32 27.03 -2.72
N SER A 207 -23.37 28.28 -2.28
CA SER A 207 -22.38 29.27 -2.67
CA SER A 207 -22.37 29.27 -2.65
C SER A 207 -20.96 28.86 -2.25
N LYS A 208 -20.78 28.37 -1.03
CA LYS A 208 -19.46 27.89 -0.65
C LYS A 208 -19.03 26.73 -1.56
N TYR A 209 -19.94 25.83 -1.85
CA TYR A 209 -19.61 24.66 -2.66
C TYR A 209 -19.24 25.04 -4.10
N LEU A 210 -20.02 25.92 -4.72
CA LEU A 210 -19.77 26.28 -6.13
C LEU A 210 -18.41 26.89 -6.43
N LYS A 211 -17.90 27.66 -5.47
CA LYS A 211 -16.57 28.27 -5.57
C LYS A 211 -15.47 27.24 -5.34
N HIS A 212 -15.75 26.27 -4.48
CA HIS A 212 -14.72 25.31 -4.10
C HIS A 212 -14.52 24.16 -5.08
N ALA A 213 -15.61 23.59 -5.59
CA ALA A 213 -15.50 22.40 -6.44
C ALA A 213 -14.51 22.57 -7.59
N PRO A 214 -14.50 23.73 -8.24
CA PRO A 214 -13.56 23.81 -9.37
C PRO A 214 -12.09 23.79 -8.96
N LYS A 215 -11.79 24.37 -7.80
CA LYS A 215 -10.43 24.30 -7.25
C LYS A 215 -9.99 22.85 -7.04
N LEU A 216 -10.91 22.02 -6.56
CA LEU A 216 -10.60 20.60 -6.36
C LEU A 216 -10.09 19.98 -7.65
N PHE A 217 -10.81 20.22 -8.73
CA PHE A 217 -10.43 19.59 -9.99
C PHE A 217 -9.26 20.27 -10.67
N GLU A 218 -9.11 21.58 -10.43
CA GLU A 218 -7.92 22.25 -10.92
C GLU A 218 -6.68 21.58 -10.32
N ALA A 219 -6.67 21.39 -9.02
CA ALA A 219 -5.50 20.82 -8.34
C ALA A 219 -5.32 19.37 -8.73
N ALA A 220 -6.44 18.65 -8.80
CA ALA A 220 -6.41 17.24 -9.16
C ALA A 220 -5.80 16.98 -10.54
N ARG A 221 -6.18 17.76 -11.54
CA ARG A 221 -5.54 17.57 -12.86
C ARG A 221 -4.04 17.83 -12.82
N GLU A 222 -3.65 18.88 -12.10
CA GLU A 222 -2.27 19.23 -11.97
C GLU A 222 -1.49 18.09 -11.32
N ALA A 223 -2.06 17.49 -10.28
CA ALA A 223 -1.38 16.41 -9.55
C ALA A 223 -1.46 15.08 -10.24
N LEU A 224 -2.61 14.78 -10.86
CA LEU A 224 -2.88 13.43 -11.30
C LEU A 224 -2.67 13.21 -12.80
N GLY A 225 -2.51 14.28 -13.56
CA GLY A 225 -2.36 14.15 -15.02
C GLY A 225 -3.70 14.06 -15.78
N ASP A 226 -3.62 13.88 -17.10
CA ASP A 226 -4.78 13.99 -17.97
C ASP A 226 -5.38 12.66 -18.41
N ASP A 227 -4.65 11.56 -18.24
CA ASP A 227 -5.14 10.27 -18.73
C ASP A 227 -6.27 9.72 -17.87
N VAL A 228 -6.16 9.91 -16.56
CA VAL A 228 -7.12 9.33 -15.64
C VAL A 228 -8.49 9.99 -15.82
N HIS A 229 -9.56 9.20 -15.73
CA HIS A 229 -10.91 9.78 -15.81
C HIS A 229 -11.33 10.29 -14.44
N LEU A 230 -11.76 11.55 -14.35
CA LEU A 230 -12.19 12.10 -13.06
C LEU A 230 -13.69 12.39 -13.07
N LEU A 231 -14.36 12.04 -11.98
CA LEU A 231 -15.82 12.15 -11.87
C LEU A 231 -16.16 12.93 -10.61
N HIS A 232 -17.35 13.50 -10.58
CA HIS A 232 -17.80 14.22 -9.39
C HIS A 232 -19.29 14.03 -9.20
N ASP A 233 -19.73 13.88 -7.94
CA ASP A 233 -21.13 13.66 -7.65
C ASP A 233 -21.63 14.92 -6.92
N VAL A 234 -22.54 15.65 -7.55
CA VAL A 234 -23.08 16.88 -6.95
C VAL A 234 -24.12 16.54 -5.86
N HIS A 235 -24.68 15.34 -5.94
CA HIS A 235 -25.57 14.86 -4.91
C HIS A 235 -26.84 15.71 -4.69
N HIS A 236 -27.41 16.20 -5.79
CA HIS A 236 -28.77 16.74 -5.83
C HIS A 236 -28.87 18.16 -5.31
N ARG A 237 -27.76 18.88 -5.22
CA ARG A 237 -27.74 20.09 -4.38
C ARG A 237 -27.88 21.44 -5.09
N LEU A 238 -27.96 21.42 -6.42
CA LEU A 238 -27.97 22.67 -7.16
C LEU A 238 -29.29 22.90 -7.88
N THR A 239 -29.48 24.12 -8.40
CA THR A 239 -30.57 24.39 -9.35
C THR A 239 -29.98 24.31 -10.77
N PRO A 240 -30.82 24.24 -11.80
CA PRO A 240 -30.24 24.05 -13.12
C PRO A 240 -29.26 25.14 -13.50
N ILE A 241 -29.58 26.40 -13.22
CA ILE A 241 -28.66 27.47 -13.62
C ILE A 241 -27.33 27.41 -12.85
N GLU A 242 -27.36 26.96 -11.59
CA GLU A 242 -26.12 26.76 -10.84
C GLU A 242 -25.30 25.60 -11.40
N ALA A 243 -25.98 24.52 -11.79
CA ALA A 243 -25.34 23.35 -12.38
C ALA A 243 -24.71 23.71 -13.73
N GLY A 244 -25.39 24.54 -14.50
CA GLY A 244 -24.81 25.00 -15.77
C GLY A 244 -23.50 25.74 -15.50
N ARG A 245 -23.49 26.60 -14.48
CA ARG A 245 -22.29 27.35 -14.10
C ARG A 245 -21.20 26.39 -13.61
N LEU A 246 -21.56 25.47 -12.73
CA LEU A 246 -20.57 24.54 -12.22
C LEU A 246 -19.98 23.70 -13.37
N GLY A 247 -20.84 23.19 -14.24
CA GLY A 247 -20.34 22.45 -15.41
C GLY A 247 -19.38 23.31 -16.21
N LYS A 248 -19.75 24.56 -16.43
CA LYS A 248 -18.87 25.43 -17.22
C LYS A 248 -17.52 25.64 -16.53
N ASP A 249 -17.52 25.88 -15.22
CA ASP A 249 -16.26 26.07 -14.49
C ASP A 249 -15.41 24.80 -14.49
N LEU A 250 -16.03 23.65 -14.71
CA LEU A 250 -15.29 22.38 -14.66
C LEU A 250 -14.80 21.96 -16.05
N GLU A 251 -15.24 22.68 -17.08
CA GLU A 251 -14.84 22.26 -18.44
C GLU A 251 -13.32 22.15 -18.66
N PRO A 252 -12.52 23.08 -18.09
CA PRO A 252 -11.09 22.93 -18.42
C PRO A 252 -10.49 21.61 -17.91
N TYR A 253 -11.13 20.96 -16.95
CA TYR A 253 -10.59 19.74 -16.34
C TYR A 253 -11.16 18.45 -16.94
N ARG A 254 -12.02 18.61 -17.94
CA ARG A 254 -12.54 17.49 -18.72
C ARG A 254 -12.96 16.29 -17.87
N LEU A 255 -13.95 16.51 -16.99
CA LEU A 255 -14.52 15.41 -16.21
C LEU A 255 -15.19 14.35 -17.05
N PHE A 256 -15.11 13.11 -16.59
CA PHE A 256 -15.83 12.01 -17.24
C PHE A 256 -17.33 12.19 -17.13
N TRP A 257 -17.79 12.58 -15.93
CA TRP A 257 -19.17 13.02 -15.77
C TRP A 257 -19.37 13.86 -14.53
N LEU A 258 -20.44 14.64 -14.53
CA LEU A 258 -20.87 15.43 -13.39
C LEU A 258 -22.24 14.87 -13.05
N GLU A 259 -22.41 14.36 -11.83
CA GLU A 259 -23.51 13.44 -11.52
C GLU A 259 -24.59 14.07 -10.64
N ASP A 260 -25.85 13.74 -10.90
CA ASP A 260 -26.95 14.18 -10.03
C ASP A 260 -26.89 15.67 -9.70
N ALA A 261 -26.71 16.49 -10.72
CA ALA A 261 -26.51 17.93 -10.50
C ALA A 261 -27.68 18.63 -9.82
N VAL A 262 -28.90 18.20 -10.15
CA VAL A 262 -30.10 18.83 -9.66
C VAL A 262 -31.12 17.74 -9.40
N PRO A 263 -32.04 17.97 -8.45
CA PRO A 263 -33.12 17.02 -8.28
C PRO A 263 -33.83 16.89 -9.63
N ALA A 264 -34.06 15.65 -10.07
CA ALA A 264 -34.45 15.40 -11.44
C ALA A 264 -35.91 15.04 -11.67
N GLU A 265 -36.79 15.25 -10.70
CA GLU A 265 -38.21 14.93 -10.92
C GLU A 265 -38.76 15.71 -12.09
N ASN A 266 -38.38 16.97 -12.18
CA ASN A 266 -38.68 17.77 -13.35
C ASN A 266 -37.55 17.56 -14.36
N GLN A 267 -37.76 16.66 -15.31
CA GLN A 267 -36.69 16.29 -16.23
C GLN A 267 -36.25 17.41 -17.14
N ALA A 268 -37.17 18.34 -17.43
CA ALA A 268 -36.84 19.52 -18.21
C ALA A 268 -35.79 20.39 -17.54
N GLY A 269 -35.60 20.18 -16.24
CA GLY A 269 -34.57 20.93 -15.50
C GLY A 269 -33.18 20.77 -16.10
N PHE A 270 -32.92 19.65 -16.75
CA PHE A 270 -31.62 19.41 -17.37
C PHE A 270 -31.40 20.17 -18.68
N ARG A 271 -32.45 20.75 -19.25
CA ARG A 271 -32.32 21.56 -20.45
C ARG A 271 -31.40 22.76 -20.26
N LEU A 272 -31.56 23.48 -19.15
CA LEU A 272 -30.67 24.62 -18.87
C LEU A 272 -29.22 24.21 -18.67
N ILE A 273 -29.01 23.05 -18.05
CA ILE A 273 -27.65 22.62 -17.82
C ILE A 273 -26.98 22.35 -19.16
N ARG A 274 -27.70 21.61 -20.00
CA ARG A 274 -27.19 21.14 -21.28
C ARG A 274 -26.90 22.35 -22.17
N GLN A 275 -27.71 23.39 -21.99
CA GLN A 275 -27.58 24.62 -22.76
C GLN A 275 -26.30 25.37 -22.42
N HIS A 276 -25.84 25.24 -21.18
CA HIS A 276 -24.73 26.07 -20.72
C HIS A 276 -23.41 25.36 -20.52
N THR A 277 -23.36 24.04 -20.61
CA THR A 277 -22.08 23.38 -20.44
C THR A 277 -21.93 22.16 -21.32
N THR A 278 -20.69 21.88 -21.72
CA THR A 278 -20.37 20.61 -22.37
C THR A 278 -19.79 19.56 -21.40
N THR A 279 -19.72 19.87 -20.11
CA THR A 279 -19.30 18.84 -19.16
C THR A 279 -20.34 17.70 -19.24
N PRO A 280 -19.89 16.43 -19.38
CA PRO A 280 -20.87 15.35 -19.52
C PRO A 280 -21.68 15.15 -18.23
N LEU A 281 -22.93 14.72 -18.39
CA LEU A 281 -23.85 14.67 -17.25
C LEU A 281 -24.30 13.24 -16.98
N ALA A 282 -24.43 12.89 -15.70
CA ALA A 282 -24.93 11.57 -15.35
C ALA A 282 -25.98 11.74 -14.29
N VAL A 283 -27.01 10.89 -14.30
CA VAL A 283 -28.04 10.96 -13.28
C VAL A 283 -28.77 9.63 -13.17
N GLY A 284 -29.39 9.41 -12.01
CA GLY A 284 -30.40 8.37 -11.92
C GLY A 284 -30.19 7.15 -11.04
N GLU A 285 -29.22 7.16 -10.13
CA GLU A 285 -29.10 6.04 -9.19
C GLU A 285 -30.43 5.77 -8.47
N ILE A 286 -31.24 6.80 -8.23
CA ILE A 286 -32.49 6.57 -7.48
C ILE A 286 -33.69 6.21 -8.36
N PHE A 287 -33.55 6.29 -9.68
CA PHE A 287 -34.69 6.05 -10.58
C PHE A 287 -35.23 4.62 -10.42
N SER A 288 -36.55 4.44 -10.46
CA SER A 288 -37.07 3.07 -10.42
C SER A 288 -37.73 2.57 -11.71
N HIS A 289 -37.81 3.41 -12.74
CA HIS A 289 -38.40 2.95 -13.99
C HIS A 289 -38.02 3.89 -15.11
N VAL A 290 -38.33 3.48 -16.34
CA VAL A 290 -37.98 4.26 -17.52
C VAL A 290 -38.66 5.63 -17.48
N TRP A 291 -39.79 5.71 -16.80
CA TRP A 291 -40.56 6.97 -16.74
C TRP A 291 -39.83 8.06 -15.97
N ASP A 292 -38.86 7.68 -15.14
CA ASP A 292 -38.06 8.69 -14.45
C ASP A 292 -37.00 9.34 -15.35
N CYS A 293 -36.76 8.80 -16.53
CA CYS A 293 -35.66 9.29 -17.37
C CYS A 293 -36.01 9.36 -18.85
N LYS A 294 -37.27 9.10 -19.20
CA LYS A 294 -37.59 9.07 -20.62
C LYS A 294 -37.31 10.41 -21.32
N GLN A 295 -37.69 11.50 -20.66
CA GLN A 295 -37.48 12.82 -21.25
C GLN A 295 -36.00 13.16 -21.28
N LEU A 296 -35.28 12.86 -20.20
CA LEU A 296 -33.82 13.10 -20.13
C LEU A 296 -33.12 12.43 -21.28
N ILE A 297 -33.52 11.21 -21.58
CA ILE A 297 -32.87 10.45 -22.63
C ILE A 297 -33.29 10.93 -24.01
N GLU A 298 -34.60 11.11 -24.25
CA GLU A 298 -35.06 11.38 -25.61
C GLU A 298 -34.66 12.80 -26.03
N GLU A 299 -34.43 13.68 -25.06
CA GLU A 299 -33.94 15.02 -25.41
C GLU A 299 -32.43 15.12 -25.37
N GLN A 300 -31.73 13.99 -25.19
CA GLN A 300 -30.27 14.01 -25.14
C GLN A 300 -29.75 14.97 -24.09
N LEU A 301 -30.38 14.94 -22.93
CA LEU A 301 -30.01 15.85 -21.85
C LEU A 301 -28.94 15.27 -20.94
N ILE A 302 -28.63 13.98 -21.09
CA ILE A 302 -27.61 13.36 -20.24
C ILE A 302 -26.74 12.44 -21.07
N ASP A 303 -25.57 12.10 -20.54
CA ASP A 303 -24.64 11.21 -21.24
C ASP A 303 -24.61 9.82 -20.60
N TYR A 304 -24.81 9.74 -19.27
CA TYR A 304 -24.80 8.42 -18.61
C TYR A 304 -26.04 8.22 -17.74
N LEU A 305 -26.70 7.08 -17.90
CA LEU A 305 -27.81 6.74 -17.01
C LEU A 305 -27.28 5.87 -15.85
N ARG A 306 -27.56 6.29 -14.62
CA ARG A 306 -27.04 5.63 -13.44
C ARG A 306 -27.99 4.60 -12.82
N ALA A 307 -29.15 4.42 -13.41
CA ALA A 307 -30.16 3.47 -12.90
C ALA A 307 -29.54 2.08 -12.81
N THR A 308 -29.98 1.29 -11.85
CA THR A 308 -29.41 -0.05 -11.63
C THR A 308 -30.40 -1.20 -11.72
N VAL A 309 -29.87 -2.40 -11.86
CA VAL A 309 -30.70 -3.57 -11.88
C VAL A 309 -31.44 -3.68 -10.54
N LEU A 310 -30.83 -3.21 -9.45
CA LEU A 310 -31.49 -3.34 -8.14
C LEU A 310 -32.72 -2.42 -7.96
N HIS A 311 -32.58 -1.15 -8.31
CA HIS A 311 -33.60 -0.17 -7.95
C HIS A 311 -34.52 0.21 -9.13
N ALA A 312 -34.19 -0.26 -10.33
CA ALA A 312 -35.05 -0.03 -11.50
C ALA A 312 -35.64 -1.31 -12.11
N GLY A 313 -35.83 -2.35 -11.30
CA GLY A 313 -36.69 -3.46 -11.75
C GLY A 313 -35.99 -4.63 -12.44
N GLY A 314 -34.72 -4.82 -12.14
CA GLY A 314 -33.98 -5.99 -12.60
C GLY A 314 -33.30 -5.90 -13.95
N ILE A 315 -32.71 -7.02 -14.35
CA ILE A 315 -32.07 -7.21 -15.64
C ILE A 315 -33.05 -6.95 -16.78
N THR A 316 -34.26 -7.48 -16.63
CA THR A 316 -35.27 -7.39 -17.67
C THR A 316 -35.53 -5.93 -18.03
N ASN A 317 -35.76 -5.11 -17.03
CA ASN A 317 -36.12 -3.72 -17.27
C ASN A 317 -34.92 -2.83 -17.65
N LEU A 318 -33.78 -3.05 -17.01
CA LEU A 318 -32.60 -2.25 -17.31
C LEU A 318 -32.14 -2.46 -18.74
N ARG A 319 -32.30 -3.67 -19.24
CA ARG A 319 -31.95 -3.94 -20.63
CA ARG A 319 -31.96 -3.95 -20.62
C ARG A 319 -32.83 -3.18 -21.59
N LYS A 320 -34.10 -3.07 -21.27
CA LYS A 320 -35.02 -2.34 -22.10
C LYS A 320 -34.62 -0.88 -22.09
N ILE A 321 -34.37 -0.35 -20.91
CA ILE A 321 -33.99 1.06 -20.78
C ILE A 321 -32.69 1.37 -21.53
N ALA A 322 -31.71 0.46 -21.43
CA ALA A 322 -30.41 0.64 -22.08
C ALA A 322 -30.54 0.66 -23.61
N ALA A 323 -31.46 -0.12 -24.16
CA ALA A 323 -31.67 -0.13 -25.62
C ALA A 323 -32.27 1.20 -26.05
N PHE A 324 -33.23 1.70 -25.28
CA PHE A 324 -33.74 3.05 -25.49
C PHE A 324 -32.63 4.09 -25.40
N ALA A 325 -31.78 3.99 -24.36
CA ALA A 325 -30.67 4.93 -24.19
C ALA A 325 -29.74 4.95 -25.39
N ASP A 326 -29.52 3.78 -26.00
CA ASP A 326 -28.60 3.65 -27.12
C ASP A 326 -29.09 4.38 -28.39
N LEU A 327 -30.36 4.77 -28.44
CA LEU A 327 -30.87 5.52 -29.59
C LEU A 327 -30.50 7.00 -29.51
N HIS A 328 -30.02 7.41 -28.34
CA HIS A 328 -29.87 8.81 -28.04
C HIS A 328 -28.48 9.13 -27.50
N HIS A 329 -27.49 8.31 -27.86
CA HIS A 329 -26.12 8.53 -27.40
C HIS A 329 -25.98 8.47 -25.86
N VAL A 330 -26.85 7.74 -25.17
CA VAL A 330 -26.72 7.61 -23.73
C VAL A 330 -26.06 6.26 -23.42
N ARG A 331 -25.15 6.26 -22.44
CA ARG A 331 -24.40 5.03 -22.07
C ARG A 331 -24.73 4.66 -20.64
N THR A 332 -24.47 3.42 -20.25
CA THR A 332 -24.80 3.02 -18.89
C THR A 332 -23.71 3.47 -17.92
N GLY A 333 -24.12 3.92 -16.74
CA GLY A 333 -23.16 4.29 -15.70
C GLY A 333 -23.70 3.85 -14.37
N CYS A 334 -23.93 2.56 -14.22
CA CYS A 334 -24.66 2.04 -13.09
C CYS A 334 -24.06 2.40 -11.73
N HIS A 335 -24.96 2.77 -10.83
CA HIS A 335 -24.65 3.06 -9.45
C HIS A 335 -24.09 1.78 -8.83
N GLY A 336 -23.14 1.94 -7.94
CA GLY A 336 -22.48 0.81 -7.32
C GLY A 336 -22.05 0.95 -5.87
N ALA A 337 -22.82 1.64 -5.07
CA ALA A 337 -22.49 1.87 -3.67
C ALA A 337 -22.62 0.59 -2.86
N THR A 338 -22.07 0.59 -1.65
CA THR A 338 -22.05 -0.64 -0.85
C THR A 338 -23.44 -1.16 -0.54
N ASP A 339 -24.46 -0.29 -0.59
CA ASP A 339 -25.82 -0.74 -0.30
C ASP A 339 -26.45 -1.57 -1.42
N LEU A 340 -25.71 -1.79 -2.52
CA LEU A 340 -26.11 -2.80 -3.50
C LEU A 340 -25.24 -4.02 -3.17
N SER A 341 -25.88 -5.13 -2.81
CA SER A 341 -25.13 -6.31 -2.32
C SER A 341 -24.31 -6.94 -3.44
N PRO A 342 -23.45 -7.91 -3.09
CA PRO A 342 -22.76 -8.62 -4.14
C PRO A 342 -23.68 -9.30 -5.14
N ILE A 343 -24.92 -9.55 -4.76
CA ILE A 343 -25.85 -10.15 -5.71
C ILE A 343 -26.17 -9.15 -6.83
N THR A 344 -26.47 -7.91 -6.44
CA THR A 344 -26.61 -6.85 -7.44
C THR A 344 -25.34 -6.70 -8.26
N MET A 345 -24.18 -6.67 -7.59
CA MET A 345 -22.94 -6.50 -8.35
C MET A 345 -22.78 -7.59 -9.39
N ALA A 346 -22.97 -8.85 -9.00
CA ALA A 346 -22.94 -9.94 -10.00
C ALA A 346 -23.89 -9.64 -11.19
N ALA A 347 -25.14 -9.35 -10.89
CA ALA A 347 -26.11 -9.08 -11.95
C ALA A 347 -25.65 -7.90 -12.82
N ALA A 348 -25.23 -6.83 -12.15
CA ALA A 348 -24.78 -5.62 -12.82
C ALA A 348 -23.64 -5.92 -13.78
N LEU A 349 -22.74 -6.82 -13.38
CA LEU A 349 -21.55 -7.12 -14.17
C LEU A 349 -21.88 -7.96 -15.39
N HIS A 350 -22.83 -8.88 -15.24
CA HIS A 350 -23.30 -9.65 -16.39
C HIS A 350 -23.97 -8.71 -17.40
N PHE A 351 -24.79 -7.80 -16.88
CA PHE A 351 -25.36 -6.73 -17.68
C PHE A 351 -24.31 -5.85 -18.37
N ASP A 352 -23.33 -5.35 -17.60
CA ASP A 352 -22.29 -4.44 -18.13
C ASP A 352 -21.42 -5.11 -19.17
N LEU A 353 -21.14 -6.40 -18.99
CA LEU A 353 -20.23 -7.08 -19.91
C LEU A 353 -20.89 -7.25 -21.26
N SER A 354 -22.22 -7.40 -21.24
CA SER A 354 -22.97 -7.75 -22.46
C SER A 354 -23.68 -6.57 -23.13
N VAL A 355 -23.76 -5.43 -22.46
CA VAL A 355 -24.51 -4.32 -23.07
C VAL A 355 -23.58 -3.58 -24.01
N SER A 356 -24.06 -3.19 -25.19
CA SER A 356 -23.17 -2.54 -26.15
CA SER A 356 -23.17 -2.54 -26.15
C SER A 356 -22.81 -1.12 -25.70
N ASN A 357 -23.80 -0.35 -25.26
CA ASN A 357 -23.58 1.05 -24.85
C ASN A 357 -23.19 1.19 -23.38
N PHE A 358 -22.17 0.44 -22.98
CA PHE A 358 -21.62 0.51 -21.63
C PHE A 358 -20.82 1.78 -21.49
N GLY A 359 -20.92 2.44 -20.33
CA GLY A 359 -20.12 3.63 -20.07
C GLY A 359 -19.09 3.41 -18.96
N LEU A 360 -19.56 3.11 -17.77
CA LEU A 360 -18.70 2.94 -16.61
C LEU A 360 -19.48 2.22 -15.52
N GLN A 361 -18.79 1.54 -14.60
CA GLN A 361 -19.47 0.91 -13.47
C GLN A 361 -18.89 1.44 -12.14
N GLU A 362 -19.75 1.88 -11.23
CA GLU A 362 -19.29 2.30 -9.92
C GLU A 362 -18.90 1.07 -9.10
N TYR A 363 -17.83 1.18 -8.33
CA TYR A 363 -17.41 0.05 -7.48
C TYR A 363 -16.91 0.54 -6.11
N MET A 364 -17.72 0.35 -5.09
CA MET A 364 -17.30 0.53 -3.70
C MET A 364 -17.09 -0.85 -3.12
N ARG A 365 -15.95 -1.06 -2.50
CA ARG A 365 -15.66 -2.37 -1.93
C ARG A 365 -16.56 -2.69 -0.75
N HIS A 366 -17.05 -3.92 -0.71
CA HIS A 366 -17.80 -4.40 0.45
C HIS A 366 -16.85 -4.85 1.57
N THR A 367 -17.34 -5.03 2.79
CA THR A 367 -16.49 -5.54 3.85
C THR A 367 -16.21 -7.03 3.62
N PRO A 368 -15.14 -7.56 4.24
CA PRO A 368 -14.84 -8.98 4.12
C PRO A 368 -16.00 -9.86 4.57
N GLU A 369 -16.69 -9.45 5.63
CA GLU A 369 -17.83 -10.21 6.13
C GLU A 369 -18.96 -10.27 5.08
N THR A 370 -19.21 -9.16 4.39
CA THR A 370 -20.21 -9.17 3.32
C THR A 370 -19.81 -10.11 2.20
N ASP A 371 -18.54 -10.08 1.80
CA ASP A 371 -18.08 -11.00 0.76
C ASP A 371 -18.26 -12.48 1.17
N ALA A 372 -18.08 -12.76 2.45
CA ALA A 372 -18.19 -14.15 2.93
C ALA A 372 -19.64 -14.60 2.98
N VAL A 373 -20.55 -13.67 3.34
CA VAL A 373 -21.96 -14.02 3.34
C VAL A 373 -22.46 -14.23 1.90
N PHE A 374 -21.88 -13.51 0.95
CA PHE A 374 -22.34 -13.61 -0.45
C PHE A 374 -21.20 -14.04 -1.38
N PRO A 375 -20.78 -15.31 -1.31
CA PRO A 375 -19.65 -15.75 -2.12
C PRO A 375 -19.92 -15.58 -3.61
N HIS A 376 -18.92 -15.18 -4.40
CA HIS A 376 -19.19 -14.83 -5.79
C HIS A 376 -17.98 -15.06 -6.69
N ALA A 377 -18.22 -15.19 -7.99
CA ALA A 377 -17.16 -15.44 -8.95
C ALA A 377 -16.53 -14.15 -9.50
N TYR A 378 -17.21 -13.01 -9.36
CA TYR A 378 -16.66 -11.79 -9.98
C TYR A 378 -15.40 -11.31 -9.26
N SER A 379 -14.54 -10.62 -9.98
CA SER A 379 -13.32 -10.18 -9.37
C SER A 379 -12.76 -8.97 -10.07
N TYR A 380 -11.89 -8.27 -9.35
CA TYR A 380 -11.26 -7.05 -9.82
C TYR A 380 -9.85 -7.31 -10.37
N LYS A 381 -9.50 -6.66 -11.47
CA LYS A 381 -8.13 -6.68 -11.96
C LYS A 381 -7.86 -5.51 -12.89
N ASP A 382 -6.84 -4.72 -12.57
CA ASP A 382 -6.38 -3.65 -13.45
C ASP A 382 -7.49 -2.70 -13.89
N GLY A 383 -8.21 -2.15 -12.92
CA GLY A 383 -9.22 -1.14 -13.16
C GLY A 383 -10.49 -1.71 -13.76
N MET A 384 -10.65 -3.02 -13.72
CA MET A 384 -11.82 -3.67 -14.27
C MET A 384 -12.37 -4.74 -13.36
N LEU A 385 -13.69 -4.89 -13.39
CA LEU A 385 -14.33 -6.06 -12.82
C LEU A 385 -14.75 -6.99 -13.95
N HIS A 386 -14.91 -8.28 -13.64
CA HIS A 386 -15.41 -9.26 -14.58
C HIS A 386 -16.34 -10.18 -13.83
N PRO A 387 -17.49 -10.52 -14.46
CA PRO A 387 -18.50 -11.28 -13.73
C PRO A 387 -18.09 -12.71 -13.44
N GLY A 388 -17.05 -13.21 -14.09
CA GLY A 388 -16.69 -14.62 -13.90
C GLY A 388 -17.46 -15.55 -14.83
N GLU A 389 -17.09 -16.83 -14.84
CA GLU A 389 -17.69 -17.76 -15.79
C GLU A 389 -18.57 -18.84 -15.14
N ALA A 390 -18.88 -18.71 -13.86
CA ALA A 390 -19.77 -19.70 -13.23
C ALA A 390 -21.16 -19.60 -13.87
N PRO A 391 -21.92 -20.71 -13.88
CA PRO A 391 -23.31 -20.69 -14.39
C PRO A 391 -24.17 -19.77 -13.54
N GLY A 392 -25.16 -19.13 -14.16
CA GLY A 392 -26.05 -18.23 -13.41
C GLY A 392 -25.45 -16.86 -13.21
N LEU A 393 -25.84 -16.17 -12.15
CA LEU A 393 -25.20 -14.94 -11.72
C LEU A 393 -23.76 -15.17 -11.23
N GLY A 394 -23.45 -16.40 -10.85
CA GLY A 394 -22.16 -16.66 -10.19
C GLY A 394 -22.14 -16.11 -8.77
N VAL A 395 -23.25 -16.24 -8.05
CA VAL A 395 -23.29 -15.75 -6.67
C VAL A 395 -24.34 -16.53 -5.85
N ASP A 396 -24.19 -16.54 -4.55
CA ASP A 396 -25.18 -17.24 -3.72
C ASP A 396 -25.13 -16.58 -2.35
N ILE A 397 -26.06 -16.98 -1.47
CA ILE A 397 -25.97 -16.55 -0.09
C ILE A 397 -25.72 -17.75 0.82
N ASP A 398 -24.80 -17.56 1.75
CA ASP A 398 -24.53 -18.55 2.77
C ASP A 398 -25.48 -18.25 3.93
N GLU A 399 -26.55 -19.03 4.03
CA GLU A 399 -27.62 -18.66 4.94
C GLU A 399 -27.22 -18.83 6.40
N ALA A 400 -26.43 -19.85 6.70
CA ALA A 400 -25.98 -20.05 8.08
C ALA A 400 -25.13 -18.86 8.54
N LEU A 401 -24.16 -18.44 7.73
CA LEU A 401 -23.33 -17.31 8.09
C LEU A 401 -24.17 -16.03 8.19
N ALA A 402 -25.11 -15.87 7.26
CA ALA A 402 -25.98 -14.69 7.28
C ALA A 402 -26.76 -14.58 8.60
N GLY A 403 -27.12 -15.73 9.16
CA GLY A 403 -27.84 -15.77 10.44
C GLY A 403 -27.04 -15.25 11.62
N GLN A 404 -25.74 -15.16 11.47
CA GLN A 404 -24.89 -14.63 12.53
C GLN A 404 -24.86 -13.11 12.57
N TYR A 405 -25.53 -12.46 11.62
CA TYR A 405 -25.49 -10.99 11.55
C TYR A 405 -26.89 -10.43 11.45
N PRO A 406 -27.51 -10.18 12.60
CA PRO A 406 -28.89 -9.72 12.65
C PRO A 406 -29.04 -8.29 12.13
N TYR A 407 -30.20 -8.01 11.55
CA TYR A 407 -30.54 -6.67 11.08
C TYR A 407 -30.21 -5.63 12.16
N LYS A 408 -29.69 -4.48 11.75
CA LYS A 408 -29.57 -3.34 12.65
C LYS A 408 -30.00 -2.03 11.96
N ARG A 409 -30.99 -1.37 12.52
CA ARG A 409 -31.58 -0.18 11.90
C ARG A 409 -30.51 0.86 11.59
N ALA A 410 -30.48 1.36 10.35
CA ALA A 410 -29.57 2.46 10.00
C ALA A 410 -30.15 3.31 8.86
N TYR A 411 -30.16 4.62 9.08
CA TYR A 411 -30.70 5.60 8.13
C TYR A 411 -29.65 6.35 7.33
N LEU A 412 -30.02 6.72 6.10
CA LEU A 412 -29.25 7.69 5.36
C LEU A 412 -29.35 9.06 6.04
N PRO A 413 -28.32 9.91 5.85
CA PRO A 413 -28.32 11.26 6.43
C PRO A 413 -29.33 12.15 5.74
N VAL A 414 -29.62 13.29 6.35
CA VAL A 414 -30.41 14.31 5.70
C VAL A 414 -29.59 15.57 5.68
N ASN A 415 -30.09 16.58 4.97
CA ASN A 415 -29.34 17.78 4.69
C ASN A 415 -30.29 18.97 4.77
N ARG A 416 -29.85 20.06 5.39
CA ARG A 416 -30.65 21.29 5.48
C ARG A 416 -29.83 22.50 5.10
N LEU A 417 -30.50 23.56 4.67
CA LEU A 417 -29.81 24.81 4.39
C LEU A 417 -29.38 25.49 5.66
N GLU A 418 -28.57 26.54 5.52
CA GLU A 418 -28.05 27.27 6.69
C GLU A 418 -29.18 27.84 7.57
N ASP A 419 -30.34 28.08 6.99
CA ASP A 419 -31.45 28.66 7.75
C ASP A 419 -32.40 27.59 8.33
N GLY A 420 -32.05 26.33 8.14
CA GLY A 420 -32.89 25.24 8.64
C GLY A 420 -33.75 24.60 7.55
N THR A 421 -33.83 25.22 6.39
CA THR A 421 -34.76 24.70 5.35
C THR A 421 -34.41 23.25 5.00
N MET A 422 -35.43 22.39 4.95
CA MET A 422 -35.21 21.00 4.54
C MET A 422 -34.65 20.96 3.11
N TYR A 423 -33.57 20.23 2.91
CA TYR A 423 -32.90 20.22 1.60
C TYR A 423 -32.56 18.79 1.14
N ASN A 424 -31.70 18.66 0.14
CA ASN A 424 -31.40 17.35 -0.43
C ASN A 424 -30.08 16.82 0.03
N TRP A 425 -30.06 15.58 0.47
CA TRP A 425 -28.79 14.98 0.88
C TRP A 425 -28.18 14.28 -0.30
N MET B 23 39.58 35.48 43.10
CA MET B 23 39.47 35.19 41.63
C MET B 23 38.64 33.92 41.39
N LEU B 24 37.64 34.02 40.52
CA LEU B 24 36.84 32.84 40.17
C LEU B 24 37.60 31.93 39.21
N LYS B 25 38.11 30.82 39.71
CA LYS B 25 38.96 29.94 38.92
C LYS B 25 38.15 28.79 38.34
N ILE B 26 38.47 28.40 37.11
CA ILE B 26 38.00 27.14 36.59
C ILE B 26 38.81 26.03 37.26
N ILE B 27 38.12 25.16 38.00
CA ILE B 27 38.82 24.08 38.69
C ILE B 27 38.63 22.76 37.96
N ASP B 28 37.57 22.64 37.17
CA ASP B 28 37.43 21.47 36.31
C ASP B 28 36.70 21.78 35.01
N ALA B 29 36.93 20.96 34.00
CA ALA B 29 36.17 20.99 32.77
C ALA B 29 36.10 19.59 32.18
N LYS B 30 34.91 19.15 31.82
CA LYS B 30 34.72 17.83 31.26
C LYS B 30 33.85 17.80 30.02
N VAL B 31 34.11 16.87 29.12
CA VAL B 31 33.29 16.64 27.96
C VAL B 31 32.45 15.39 28.15
N ILE B 32 31.13 15.54 28.06
CA ILE B 32 30.22 14.37 28.08
C ILE B 32 29.58 14.12 26.71
N VAL B 33 29.56 12.86 26.30
CA VAL B 33 28.98 12.43 25.03
C VAL B 33 27.79 11.49 25.27
N THR B 34 26.63 11.82 24.72
CA THR B 34 25.43 11.01 24.94
C THR B 34 24.63 10.90 23.64
N CYS B 35 23.81 9.87 23.50
CA CYS B 35 23.00 9.71 22.28
C CYS B 35 21.55 9.37 22.62
N PRO B 36 20.81 10.32 23.21
CA PRO B 36 19.39 10.17 23.53
C PRO B 36 18.49 10.37 22.31
N GLY B 37 18.71 9.56 21.28
CA GLY B 37 17.97 9.69 20.02
C GLY B 37 18.88 10.16 18.89
N ARG B 38 19.95 10.87 19.25
CA ARG B 38 21.03 11.24 18.34
C ARG B 38 22.19 11.72 19.22
N ASN B 39 23.38 11.82 18.64
CA ASN B 39 24.58 12.21 19.38
C ASN B 39 24.61 13.67 19.79
N PHE B 40 24.97 13.93 21.05
CA PHE B 40 25.28 15.28 21.51
C PHE B 40 26.58 15.29 22.31
N VAL B 41 27.37 16.35 22.16
CA VAL B 41 28.59 16.55 22.92
C VAL B 41 28.47 17.84 23.74
N THR B 42 28.79 17.72 25.01
CA THR B 42 28.55 18.80 25.97
C THR B 42 29.82 19.11 26.74
N LEU B 43 30.13 20.40 26.91
CA LEU B 43 31.23 20.79 27.78
C LEU B 43 30.63 21.22 29.10
N LYS B 44 31.22 20.79 30.20
CA LYS B 44 30.77 21.26 31.51
C LYS B 44 31.92 21.86 32.31
N ILE B 45 31.78 23.14 32.64
CA ILE B 45 32.83 23.84 33.38
C ILE B 45 32.43 24.03 34.83
N THR B 46 33.38 23.78 35.75
CA THR B 46 33.11 24.00 37.21
C THR B 46 34.10 25.02 37.74
N THR B 47 33.62 25.99 38.51
CA THR B 47 34.48 27.01 39.06
C THR B 47 34.70 26.84 40.57
N SER B 48 35.62 27.63 41.10
CA SER B 48 36.07 27.56 42.50
C SER B 48 34.98 27.27 43.53
N ASP B 49 33.83 27.92 43.40
CA ASP B 49 32.78 27.78 44.43
C ASP B 49 31.66 26.82 44.04
N GLY B 50 31.88 26.04 42.98
CA GLY B 50 30.87 25.06 42.59
C GLY B 50 29.85 25.55 41.57
N VAL B 51 29.91 26.82 41.19
CA VAL B 51 29.03 27.27 40.11
C VAL B 51 29.49 26.61 38.81
N THR B 52 28.56 26.04 38.05
CA THR B 52 28.91 25.34 36.81
C THR B 52 28.22 25.95 35.58
N GLY B 53 28.80 25.73 34.42
CA GLY B 53 28.16 26.16 33.17
C GLY B 53 28.32 25.06 32.15
N VAL B 54 27.39 25.01 31.19
CA VAL B 54 27.50 24.00 30.14
C VAL B 54 27.44 24.66 28.78
N GLY B 55 28.00 23.98 27.79
CA GLY B 55 27.96 24.46 26.42
C GLY B 55 27.85 23.28 25.48
N ASP B 56 27.16 23.50 24.37
CA ASP B 56 27.03 22.47 23.35
C ASP B 56 28.27 22.48 22.47
N ALA B 57 28.72 21.30 22.08
CA ALA B 57 29.91 21.16 21.25
C ALA B 57 29.66 20.21 20.10
N THR B 58 28.38 19.97 19.81
CA THR B 58 27.99 18.99 18.83
C THR B 58 28.29 19.46 17.39
N LEU B 59 29.03 18.65 16.65
CA LEU B 59 29.25 18.83 15.20
C LEU B 59 28.79 17.55 14.48
N ASN B 60 27.56 17.60 13.96
CA ASN B 60 26.88 16.45 13.38
C ASN B 60 27.74 15.70 12.35
N GLY B 61 27.98 14.41 12.56
CA GLY B 61 28.70 13.61 11.57
C GLY B 61 30.20 13.60 11.76
N ARG B 62 30.68 14.46 12.65
CA ARG B 62 32.10 14.59 12.95
C ARG B 62 32.30 14.84 14.44
N GLU B 63 31.37 14.33 15.26
CA GLU B 63 31.33 14.70 16.67
C GLU B 63 32.61 14.48 17.44
N LEU B 64 33.27 13.35 17.23
CA LEU B 64 34.38 12.99 18.11
C LEU B 64 35.63 13.83 17.86
N ALA B 65 35.70 14.47 16.69
CA ALA B 65 36.85 15.35 16.43
C ALA B 65 36.80 16.55 17.39
N VAL B 66 35.59 17.03 17.67
CA VAL B 66 35.44 18.14 18.61
C VAL B 66 35.72 17.65 20.03
N VAL B 67 35.29 16.42 20.34
CA VAL B 67 35.56 15.87 21.68
C VAL B 67 37.05 15.94 21.98
N SER B 68 37.84 15.52 21.00
CA SER B 68 39.28 15.52 21.16
C SER B 68 39.85 16.95 21.14
N TYR B 69 39.42 17.77 20.18
CA TYR B 69 39.91 19.16 20.19
C TYR B 69 39.77 19.72 21.61
N LEU B 70 38.64 19.44 22.26
CA LEU B 70 38.41 19.94 23.62
C LEU B 70 39.26 19.22 24.70
N ARG B 71 39.06 17.92 24.84
CA ARG B 71 39.73 17.08 25.86
C ARG B 71 41.25 17.06 25.77
N ASP B 72 41.77 16.96 24.55
CA ASP B 72 43.21 16.75 24.36
C ASP B 72 44.01 18.03 24.20
N HIS B 73 43.33 19.14 23.92
CA HIS B 73 44.06 20.38 23.61
C HIS B 73 43.53 21.59 24.34
N MET B 74 42.23 21.87 24.24
CA MET B 74 41.78 23.12 24.84
C MET B 74 41.66 23.01 26.36
N ILE B 75 41.05 21.94 26.84
CA ILE B 75 40.74 21.84 28.27
C ILE B 75 41.94 22.07 29.19
N PRO B 76 43.08 21.42 28.89
CA PRO B 76 44.24 21.65 29.75
C PRO B 76 44.66 23.12 29.87
N CYS B 77 44.40 23.93 28.85
CA CYS B 77 44.74 25.38 28.89
C CYS B 77 43.70 26.18 29.67
N LEU B 78 42.56 25.57 29.88
CA LEU B 78 41.42 26.21 30.49
C LEU B 78 41.50 26.14 32.02
N ILE B 79 41.94 25.00 32.55
CA ILE B 79 42.03 24.79 33.99
C ILE B 79 42.86 25.86 34.69
N GLY B 80 42.35 26.40 35.79
CA GLY B 80 43.09 27.40 36.54
C GLY B 80 42.92 28.81 36.00
N ARG B 81 42.19 28.98 34.91
CA ARG B 81 41.99 30.31 34.37
C ARG B 81 40.85 31.05 35.09
N ASP B 82 40.86 32.37 34.98
CA ASP B 82 39.80 33.21 35.55
C ASP B 82 38.54 33.10 34.69
N ALA B 83 37.47 32.54 35.27
CA ALA B 83 36.25 32.25 34.51
C ALA B 83 35.49 33.52 34.07
N HIS B 84 35.85 34.66 34.65
CA HIS B 84 35.24 35.93 34.32
C HIS B 84 35.72 36.51 32.98
N ARG B 85 36.89 36.08 32.52
CA ARG B 85 37.52 36.70 31.36
CA ARG B 85 37.53 36.69 31.37
C ARG B 85 37.07 36.03 30.05
N ILE B 86 35.83 36.31 29.67
CA ILE B 86 35.23 35.62 28.52
C ILE B 86 35.88 36.00 27.22
N GLU B 87 36.03 37.30 27.00
CA GLU B 87 36.63 37.77 25.76
C GLU B 87 38.09 37.31 25.67
N ASP B 88 38.82 37.41 26.78
CA ASP B 88 40.22 37.02 26.78
C ASP B 88 40.37 35.56 26.38
N VAL B 89 39.55 34.70 26.97
CA VAL B 89 39.72 33.29 26.68
C VAL B 89 39.28 32.99 25.23
N TRP B 90 38.27 33.72 24.75
CA TRP B 90 37.83 33.61 23.35
C TRP B 90 39.02 33.93 22.43
N GLN B 91 39.66 35.08 22.64
CA GLN B 91 40.83 35.43 21.84
C GLN B 91 41.99 34.45 22.06
N PHE B 92 42.19 34.00 23.29
CA PHE B 92 43.29 33.07 23.57
C PHE B 92 43.15 31.86 22.67
N PHE B 93 41.96 31.29 22.59
CA PHE B 93 41.74 30.09 21.80
C PHE B 93 41.68 30.35 20.30
N TYR B 94 41.09 31.47 19.92
CA TYR B 94 40.94 31.73 18.50
C TYR B 94 42.30 31.98 17.87
N ARG B 95 43.11 32.79 18.54
CA ARG B 95 44.43 33.15 18.03
C ARG B 95 45.47 32.10 18.37
N GLY B 96 45.40 31.55 19.58
CA GLY B 96 46.45 30.65 20.06
C GLY B 96 46.52 29.27 19.42
N SER B 97 45.45 28.83 18.77
CA SER B 97 45.48 27.55 18.06
C SER B 97 46.39 27.64 16.84
N TYR B 98 46.76 28.87 16.51
CA TYR B 98 47.66 29.19 15.38
C TYR B 98 47.04 28.93 14.00
N TRP B 99 46.55 27.71 13.81
CA TRP B 99 45.68 27.37 12.68
C TRP B 99 44.32 27.92 13.06
N ARG B 100 43.89 28.93 12.32
CA ARG B 100 42.72 29.72 12.74
C ARG B 100 41.38 29.27 12.21
N GLY B 101 40.37 29.20 13.08
CA GLY B 101 39.00 29.00 12.63
C GLY B 101 38.68 27.57 12.24
N GLY B 102 37.67 27.42 11.40
CA GLY B 102 37.17 26.12 10.97
C GLY B 102 36.08 25.59 11.89
N PRO B 103 35.21 24.73 11.35
CA PRO B 103 34.10 24.18 12.13
C PRO B 103 34.51 23.44 13.39
N VAL B 104 35.65 22.74 13.39
CA VAL B 104 35.96 21.95 14.58
C VAL B 104 36.36 22.88 15.69
N ALA B 105 37.34 23.73 15.40
CA ALA B 105 37.84 24.69 16.37
C ALA B 105 36.72 25.62 16.85
N MET B 106 35.92 26.17 15.94
CA MET B 106 34.94 27.18 16.32
C MET B 106 33.77 26.58 17.10
N THR B 107 33.45 25.32 16.84
CA THR B 107 32.43 24.62 17.64
C THR B 107 32.93 24.30 19.05
N ALA B 108 34.15 23.80 19.15
CA ALA B 108 34.76 23.61 20.47
C ALA B 108 34.79 24.92 21.25
N LEU B 109 35.21 25.99 20.59
CA LEU B 109 35.23 27.32 21.23
C LEU B 109 33.81 27.78 21.62
N ALA B 110 32.84 27.50 20.77
CA ALA B 110 31.48 27.89 21.08
C ALA B 110 31.06 27.27 22.43
N ALA B 111 31.48 26.03 22.66
CA ALA B 111 31.10 25.31 23.87
C ALA B 111 31.68 25.98 25.12
N VAL B 112 32.96 26.34 25.06
CA VAL B 112 33.59 27.12 26.12
C VAL B 112 32.85 28.44 26.32
N ASP B 113 32.61 29.16 25.23
CA ASP B 113 31.96 30.47 25.34
C ASP B 113 30.55 30.39 25.95
N MET B 114 29.78 29.40 25.53
CA MET B 114 28.44 29.21 26.07
C MET B 114 28.51 28.98 27.56
N ALA B 115 29.40 28.08 27.97
CA ALA B 115 29.53 27.68 29.37
C ALA B 115 29.95 28.86 30.25
N LEU B 116 30.82 29.72 29.72
CA LEU B 116 31.29 30.84 30.53
C LEU B 116 30.23 31.92 30.68
N TRP B 117 29.41 32.12 29.65
CA TRP B 117 28.29 33.07 29.74
C TRP B 117 27.22 32.53 30.69
N ASP B 118 27.05 31.22 30.69
CA ASP B 118 26.16 30.51 31.62
C ASP B 118 26.57 30.88 33.04
N ILE B 119 27.85 30.71 33.33
CA ILE B 119 28.39 30.97 34.64
C ILE B 119 28.27 32.45 34.94
N LYS B 120 28.60 33.27 33.95
CA LYS B 120 28.58 34.71 34.18
C LYS B 120 27.18 35.12 34.61
N ALA B 121 26.18 34.59 33.91
CA ALA B 121 24.81 35.02 34.14
C ALA B 121 24.30 34.48 35.48
N LYS B 122 24.73 33.27 35.85
CA LYS B 122 24.35 32.72 37.14
C LYS B 122 24.89 33.57 38.29
N LEU B 123 26.15 33.99 38.14
CA LEU B 123 26.81 34.82 39.14
C LEU B 123 26.10 36.17 39.27
N ALA B 124 25.51 36.63 38.18
CA ALA B 124 24.80 37.91 38.21
C ALA B 124 23.39 37.71 38.75
N GLY B 125 22.97 36.46 38.88
CA GLY B 125 21.63 36.13 39.33
C GLY B 125 20.58 36.48 38.29
N MET B 126 20.92 36.41 36.99
CA MET B 126 19.97 36.80 35.92
C MET B 126 19.94 35.79 34.78
N PRO B 127 18.80 35.72 34.07
CA PRO B 127 18.83 34.95 32.84
C PRO B 127 19.79 35.65 31.87
N LEU B 128 20.55 34.88 31.09
CA LEU B 128 21.58 35.44 30.21
C LEU B 128 21.11 36.66 29.40
N TYR B 129 19.94 36.59 28.79
CA TYR B 129 19.46 37.68 27.93
C TYR B 129 19.55 39.05 28.61
N GLN B 130 19.43 39.07 29.93
CA GLN B 130 19.55 40.32 30.69
C GLN B 130 20.94 40.94 30.61
N LEU B 131 21.98 40.12 30.42
CA LEU B 131 23.34 40.64 30.28
C LEU B 131 23.67 41.12 28.85
N LEU B 132 22.83 40.74 27.89
CA LEU B 132 23.14 40.92 26.48
C LEU B 132 22.29 42.03 25.87
N GLY B 133 21.80 42.92 26.73
CA GLY B 133 21.01 44.06 26.31
C GLY B 133 19.58 44.02 26.80
N GLY B 134 19.16 42.89 27.37
CA GLY B 134 17.77 42.73 27.81
C GLY B 134 16.82 42.34 26.69
N ALA B 135 15.54 42.19 27.02
CA ALA B 135 14.56 41.71 26.05
C ALA B 135 14.19 42.79 25.04
N CYS B 136 14.13 42.41 23.76
CA CYS B 136 13.75 43.35 22.70
C CYS B 136 12.39 43.00 22.13
N ARG B 137 11.80 41.94 22.67
CA ARG B 137 10.56 41.40 22.14
C ARG B 137 9.95 40.48 23.20
N GLU B 138 8.69 40.12 23.02
CA GLU B 138 7.97 39.34 24.00
C GLU B 138 8.25 37.85 23.87
N GLY B 139 8.69 37.43 22.69
CA GLY B 139 9.01 36.02 22.48
C GLY B 139 9.74 35.91 21.15
N VAL B 140 10.19 34.71 20.83
CA VAL B 140 11.02 34.45 19.66
C VAL B 140 10.21 33.66 18.61
N MET B 141 9.82 34.30 17.54
CA MET B 141 9.04 33.61 16.51
CA MET B 141 9.03 33.61 16.54
C MET B 141 9.84 32.48 15.91
N VAL B 142 9.22 31.32 15.77
CA VAL B 142 9.90 30.16 15.19
C VAL B 142 9.25 29.69 13.89
N TYR B 143 9.94 28.82 13.16
CA TYR B 143 9.30 28.07 12.10
C TYR B 143 9.47 26.57 12.33
N GLY B 144 8.48 25.82 11.87
CA GLY B 144 8.52 24.36 11.92
C GLY B 144 8.75 23.80 10.53
N HIS B 145 8.69 22.48 10.41
CA HIS B 145 9.15 21.84 9.21
C HIS B 145 8.10 20.94 8.57
N ALA B 146 7.41 21.45 7.56
CA ALA B 146 6.43 20.61 6.88
C ALA B 146 7.12 19.89 5.75
N ASN B 147 7.05 18.57 5.75
CA ASN B 147 7.65 17.84 4.65
C ASN B 147 6.73 16.71 4.20
N GLY B 148 6.86 16.30 2.94
CA GLY B 148 6.05 15.20 2.39
C GLY B 148 6.60 14.72 1.06
N GLU B 149 6.20 13.52 0.63
CA GLU B 149 6.66 12.94 -0.66
C GLU B 149 6.03 13.65 -1.83
N THR B 150 4.80 14.11 -1.64
CA THR B 150 4.08 14.89 -2.64
C THR B 150 3.73 16.28 -2.11
N ILE B 151 3.33 17.15 -3.03
CA ILE B 151 2.91 18.50 -2.67
C ILE B 151 1.74 18.43 -1.70
N GLU B 152 0.81 17.51 -1.96
CA GLU B 152 -0.36 17.32 -1.09
C GLU B 152 -0.01 16.95 0.34
N ASP B 153 0.90 16.00 0.49
CA ASP B 153 1.34 15.58 1.82
C ASP B 153 1.99 16.73 2.58
N THR B 154 2.80 17.52 1.87
CA THR B 154 3.54 18.64 2.48
C THR B 154 2.54 19.70 2.95
N ILE B 155 1.58 20.01 2.10
CA ILE B 155 0.56 20.96 2.47
C ILE B 155 -0.24 20.43 3.67
N ALA B 156 -0.50 19.13 3.69
CA ALA B 156 -1.24 18.55 4.81
C ALA B 156 -0.46 18.70 6.11
N GLU B 157 0.85 18.48 6.05
CA GLU B 157 1.70 18.70 7.21
C GLU B 157 1.71 20.17 7.63
N ALA B 158 1.82 21.08 6.67
CA ALA B 158 1.76 22.52 7.02
C ALA B 158 0.49 22.89 7.80
N ARG B 159 -0.64 22.31 7.40
CA ARG B 159 -1.91 22.56 8.12
C ARG B 159 -1.82 22.17 9.59
N LYS B 160 -1.20 21.03 9.88
CA LYS B 160 -0.95 20.62 11.27
C LYS B 160 -0.12 21.63 12.01
N TYR B 161 0.91 22.17 11.35
CA TYR B 161 1.73 23.20 12.01
C TYR B 161 0.91 24.44 12.30
N GLN B 162 0.09 24.85 11.34
CA GLN B 162 -0.78 26.01 11.60
C GLN B 162 -1.67 25.77 12.81
N ALA B 163 -2.20 24.58 12.92
CA ALA B 163 -3.14 24.27 14.00
C ALA B 163 -2.43 24.30 15.36
N LEU B 164 -1.12 24.08 15.36
CA LEU B 164 -0.31 24.21 16.56
C LEU B 164 0.14 25.66 16.81
N GLY B 165 -0.37 26.61 16.02
CA GLY B 165 -0.05 28.01 16.24
C GLY B 165 1.24 28.53 15.60
N TYR B 166 1.83 27.76 14.69
CA TYR B 166 3.05 28.23 14.02
C TYR B 166 2.67 29.31 13.03
N LYS B 167 3.39 30.41 13.08
CA LYS B 167 3.21 31.49 12.12
CA LYS B 167 3.21 31.51 12.14
C LYS B 167 4.13 31.42 10.93
N ALA B 168 5.09 30.51 10.98
CA ALA B 168 6.05 30.33 9.89
C ALA B 168 6.34 28.85 9.75
N ILE B 169 6.50 28.40 8.52
CA ILE B 169 6.65 26.99 8.21
C ILE B 169 7.54 26.83 6.99
N ARG B 170 8.49 25.94 7.08
CA ARG B 170 9.32 25.57 5.93
C ARG B 170 8.68 24.38 5.21
N LEU B 171 8.61 24.46 3.89
CA LEU B 171 7.99 23.43 3.09
C LEU B 171 9.04 22.76 2.23
N GLN B 172 9.16 21.44 2.37
CA GLN B 172 10.05 20.66 1.53
C GLN B 172 9.21 19.51 1.00
N SER B 173 9.29 19.24 -0.29
CA SER B 173 8.46 18.21 -0.90
C SER B 173 9.31 17.32 -1.78
N GLY B 174 8.92 16.05 -1.90
CA GLY B 174 9.70 15.15 -2.76
C GLY B 174 9.67 15.63 -4.19
N VAL B 175 10.72 15.30 -4.96
CA VAL B 175 10.78 15.72 -6.36
C VAL B 175 10.39 14.53 -7.22
N PRO B 176 9.31 14.68 -8.01
CA PRO B 176 8.86 13.57 -8.83
C PRO B 176 9.95 13.15 -9.81
N GLY B 177 10.29 11.87 -9.81
CA GLY B 177 11.37 11.38 -10.66
C GLY B 177 12.68 11.20 -9.89
N LEU B 178 12.69 11.58 -8.62
CA LEU B 178 13.86 11.34 -7.76
C LEU B 178 13.44 10.62 -6.48
N PRO B 179 14.11 9.52 -6.16
CA PRO B 179 13.73 8.73 -4.99
C PRO B 179 13.73 9.57 -3.72
N SER B 180 14.61 10.58 -3.67
CA SER B 180 14.62 11.47 -2.51
C SER B 180 15.19 12.86 -2.79
N THR B 181 14.95 13.75 -1.85
CA THR B 181 15.43 15.12 -1.91
C THR B 181 15.60 15.55 -0.47
N TYR B 182 16.35 16.62 -0.25
CA TYR B 182 16.57 17.08 1.12
C TYR B 182 15.29 17.46 1.86
N GLY B 183 15.22 17.11 3.14
CA GLY B 183 14.15 17.59 4.01
C GLY B 183 12.88 16.75 4.04
N VAL B 184 12.86 15.66 3.28
CA VAL B 184 11.68 14.77 3.26
C VAL B 184 11.98 13.37 3.79
N SER B 185 11.19 12.92 4.76
CA SER B 185 11.35 11.61 5.40
C SER B 185 10.11 11.28 6.23
N GLY B 186 10.11 10.11 6.88
CA GLY B 186 8.96 9.66 7.66
C GLY B 186 8.68 10.50 8.90
N ASP B 187 9.70 11.20 9.39
CA ASP B 187 9.55 12.08 10.57
C ASP B 187 8.81 13.37 10.21
N LYS B 188 8.03 13.88 11.16
CA LYS B 188 7.10 14.97 10.89
C LYS B 188 7.36 16.29 11.62
N MET B 189 7.70 16.20 12.92
CA MET B 189 7.95 17.39 13.76
C MET B 189 9.42 17.81 13.73
N PHE B 190 10.21 17.00 13.04
CA PHE B 190 11.63 17.22 12.88
C PHE B 190 12.11 16.46 11.64
N TYR B 191 13.42 16.43 11.45
CA TYR B 191 14.01 15.75 10.30
C TYR B 191 15.44 15.34 10.70
N GLU B 192 15.68 14.03 10.77
CA GLU B 192 16.93 13.49 11.30
C GLU B 192 17.76 12.85 10.17
N PRO B 193 18.45 13.67 9.36
CA PRO B 193 19.13 13.11 8.18
C PRO B 193 20.32 12.19 8.49
N ALA B 194 21.03 12.44 9.60
CA ALA B 194 22.14 11.57 10.03
C ALA B 194 21.63 10.23 10.55
N ASP B 195 21.34 9.30 9.64
CA ASP B 195 20.69 8.03 9.94
CA ASP B 195 20.77 8.03 10.07
C ASP B 195 21.54 6.82 9.56
N GLY B 196 22.67 7.06 8.91
CA GLY B 196 23.46 5.97 8.37
C GLY B 196 24.72 5.63 9.15
N ASN B 197 24.93 4.33 9.37
CA ASN B 197 26.19 3.81 9.87
C ASN B 197 27.32 4.14 8.89
N LEU B 198 26.92 4.32 7.63
CA LEU B 198 27.75 4.99 6.61
C LEU B 198 26.81 5.98 5.91
N PRO B 199 27.37 7.03 5.26
CA PRO B 199 26.47 8.02 4.65
C PRO B 199 25.53 7.40 3.62
N THR B 200 24.24 7.70 3.72
CA THR B 200 23.29 7.32 2.69
C THR B 200 23.59 8.09 1.42
N GLU B 201 23.60 7.40 0.28
CA GLU B 201 23.86 8.08 -1.01
C GLU B 201 22.54 8.46 -1.70
N ASN B 202 22.45 9.71 -2.17
CA ASN B 202 21.28 10.17 -2.91
C ASN B 202 21.64 10.54 -4.34
N VAL B 203 20.64 10.62 -5.21
CA VAL B 203 20.84 11.08 -6.59
C VAL B 203 20.11 12.40 -6.76
N TRP B 204 20.67 13.31 -7.56
CA TRP B 204 20.09 14.64 -7.71
C TRP B 204 19.84 14.99 -9.18
N SER B 205 18.73 15.68 -9.44
CA SER B 205 18.51 16.33 -10.74
C SER B 205 18.07 17.78 -10.53
N THR B 206 18.93 18.72 -10.92
CA THR B 206 18.58 20.13 -10.77
C THR B 206 17.38 20.49 -11.65
N SER B 207 17.35 19.97 -12.88
CA SER B 207 16.27 20.30 -13.80
C SER B 207 14.90 19.91 -13.24
N LYS B 208 14.78 18.69 -12.73
CA LYS B 208 13.52 18.23 -12.14
CA LYS B 208 13.50 18.25 -12.17
C LYS B 208 13.10 19.12 -10.97
N TYR B 209 14.05 19.46 -10.13
CA TYR B 209 13.77 20.28 -8.97
C TYR B 209 13.30 21.70 -9.34
N LEU B 210 13.91 22.30 -10.35
CA LEU B 210 13.65 23.70 -10.66
C LEU B 210 12.25 23.90 -11.17
N LYS B 211 11.72 22.89 -11.86
CA LYS B 211 10.37 22.93 -12.40
C LYS B 211 9.34 22.69 -11.32
N HIS B 212 9.73 21.94 -10.30
CA HIS B 212 8.78 21.46 -9.31
C HIS B 212 8.61 22.40 -8.12
N ALA B 213 9.70 22.98 -7.63
CA ALA B 213 9.60 23.84 -6.45
C ALA B 213 8.53 24.95 -6.57
N PRO B 214 8.44 25.62 -7.72
CA PRO B 214 7.43 26.70 -7.81
C PRO B 214 6.00 26.15 -7.71
N LYS B 215 5.79 24.91 -8.14
CA LYS B 215 4.45 24.32 -8.06
C LYS B 215 4.08 24.09 -6.61
N LEU B 216 5.07 23.73 -5.80
CA LEU B 216 4.84 23.52 -4.37
C LEU B 216 4.29 24.78 -3.71
N PHE B 217 4.93 25.91 -3.98
CA PHE B 217 4.54 27.14 -3.30
C PHE B 217 3.30 27.74 -3.92
N GLU B 218 3.06 27.47 -5.19
CA GLU B 218 1.82 27.89 -5.80
C GLU B 218 0.63 27.20 -5.12
N ALA B 219 0.73 25.89 -4.95
CA ALA B 219 -0.34 25.12 -4.34
C ALA B 219 -0.48 25.52 -2.86
N ALA B 220 0.65 25.70 -2.20
CA ALA B 220 0.65 26.05 -0.77
C ALA B 220 -0.01 27.40 -0.49
N ARG B 221 0.25 28.39 -1.34
CA ARG B 221 -0.41 29.70 -1.14
C ARG B 221 -1.92 29.61 -1.28
N GLU B 222 -2.37 28.87 -2.29
CA GLU B 222 -3.80 28.67 -2.46
C GLU B 222 -4.41 28.00 -1.23
N ALA B 223 -3.74 26.97 -0.72
CA ALA B 223 -4.27 26.20 0.41
C ALA B 223 -4.16 26.90 1.77
N LEU B 224 -3.07 27.62 2.00
CA LEU B 224 -2.73 28.12 3.31
C LEU B 224 -2.99 29.62 3.43
N GLY B 225 -3.21 30.27 2.30
CA GLY B 225 -3.42 31.71 2.32
C GLY B 225 -2.14 32.51 2.51
N ASP B 226 -2.30 33.83 2.61
CA ASP B 226 -1.20 34.79 2.52
C ASP B 226 -0.53 35.20 3.81
N ASP B 227 -1.15 34.96 4.96
CA ASP B 227 -0.60 35.50 6.21
C ASP B 227 0.58 34.69 6.72
N VAL B 228 0.48 33.37 6.56
CA VAL B 228 1.52 32.48 7.08
C VAL B 228 2.84 32.75 6.37
N HIS B 229 3.94 32.76 7.12
CA HIS B 229 5.25 32.94 6.50
C HIS B 229 5.75 31.60 5.97
N LEU B 230 6.11 31.53 4.68
CA LEU B 230 6.55 30.28 4.07
C LEU B 230 8.03 30.33 3.68
N LEU B 231 8.77 29.26 3.98
CA LEU B 231 10.21 29.26 3.77
C LEU B 231 10.59 28.03 2.97
N HIS B 232 11.75 28.06 2.33
CA HIS B 232 12.23 26.91 1.60
C HIS B 232 13.74 26.81 1.65
N ASP B 233 14.23 25.59 1.80
CA ASP B 233 15.68 25.35 1.88
C ASP B 233 16.13 24.65 0.58
N VAL B 234 16.96 25.33 -0.21
CA VAL B 234 17.50 24.77 -1.45
C VAL B 234 18.64 23.79 -1.15
N HIS B 235 19.23 23.92 0.03
CA HIS B 235 20.24 23.01 0.48
C HIS B 235 21.45 22.86 -0.48
N HIS B 236 21.97 23.99 -0.98
CA HIS B 236 23.27 24.04 -1.68
C HIS B 236 23.28 23.43 -3.07
N ARG B 237 22.13 23.26 -3.69
CA ARG B 237 22.07 22.43 -4.91
C ARG B 237 22.03 23.18 -6.26
N LEU B 238 22.09 24.51 -6.23
CA LEU B 238 21.99 25.30 -7.47
C LEU B 238 23.27 26.09 -7.82
N THR B 239 23.37 26.53 -9.07
CA THR B 239 24.35 27.58 -9.40
C THR B 239 23.71 28.97 -9.27
N PRO B 240 24.51 30.04 -9.23
CA PRO B 240 23.89 31.32 -9.02
C PRO B 240 22.78 31.68 -10.03
N ILE B 241 23.01 31.44 -11.32
CA ILE B 241 22.03 31.81 -12.33
C ILE B 241 20.77 30.94 -12.22
N GLU B 242 20.90 29.69 -11.76
CA GLU B 242 19.74 28.87 -11.49
C GLU B 242 18.96 29.34 -10.25
N ALA B 243 19.70 29.80 -9.24
CA ALA B 243 19.06 30.30 -8.01
C ALA B 243 18.33 31.60 -8.30
N GLY B 244 18.88 32.41 -9.19
CA GLY B 244 18.21 33.64 -9.62
C GLY B 244 16.90 33.29 -10.33
N ARG B 245 16.93 32.28 -11.20
CA ARG B 245 15.70 31.84 -11.87
C ARG B 245 14.68 31.30 -10.88
N LEU B 246 15.10 30.44 -9.96
CA LEU B 246 14.17 29.90 -8.97
C LEU B 246 13.55 31.02 -8.14
N GLY B 247 14.38 31.93 -7.64
CA GLY B 247 13.86 33.04 -6.82
C GLY B 247 12.82 33.83 -7.57
N LYS B 248 13.10 34.13 -8.83
CA LYS B 248 12.13 34.81 -9.68
C LYS B 248 10.80 34.04 -9.78
N ASP B 249 10.89 32.74 -10.06
CA ASP B 249 9.70 31.90 -10.17
C ASP B 249 8.93 31.84 -8.86
N LEU B 250 9.62 32.10 -7.74
CA LEU B 250 8.96 32.02 -6.43
C LEU B 250 8.40 33.36 -5.98
N GLU B 251 8.73 34.43 -6.70
CA GLU B 251 8.28 35.75 -6.26
C GLU B 251 6.76 35.87 -6.08
N PRO B 252 5.96 35.22 -6.95
CA PRO B 252 4.53 35.45 -6.75
C PRO B 252 4.05 34.95 -5.38
N TYR B 253 4.81 34.07 -4.74
CA TYR B 253 4.35 33.45 -3.48
C TYR B 253 4.94 34.10 -2.22
N ARG B 254 5.78 35.11 -2.44
CA ARG B 254 6.34 35.92 -1.35
C ARG B 254 6.89 35.10 -0.19
N LEU B 255 7.91 34.29 -0.45
CA LEU B 255 8.54 33.50 0.62
C LEU B 255 9.21 34.40 1.63
N PHE B 256 9.19 33.97 2.89
CA PHE B 256 9.92 34.69 3.93
C PHE B 256 11.41 34.64 3.62
N TRP B 257 11.90 33.45 3.28
CA TRP B 257 13.25 33.36 2.71
C TRP B 257 13.49 32.14 1.83
N LEU B 258 14.47 32.25 0.94
CA LEU B 258 14.98 31.12 0.18
C LEU B 258 16.41 30.86 0.65
N GLU B 259 16.67 29.64 1.12
CA GLU B 259 17.81 29.37 1.96
C GLU B 259 18.91 28.53 1.28
N ASP B 260 20.17 28.93 1.48
CA ASP B 260 21.31 28.15 1.04
C ASP B 260 21.21 27.80 -0.44
N ALA B 261 20.92 28.80 -1.26
CA ALA B 261 20.60 28.54 -2.68
C ALA B 261 21.74 27.90 -3.45
N VAL B 262 22.97 28.33 -3.16
CA VAL B 262 24.19 27.87 -3.85
C VAL B 262 25.26 27.72 -2.79
N PRO B 263 26.22 26.79 -2.99
CA PRO B 263 27.39 26.71 -2.12
C PRO B 263 28.05 28.08 -2.05
N ALA B 264 28.38 28.54 -0.86
CA ALA B 264 28.62 29.96 -0.62
C ALA B 264 30.08 30.35 -0.39
N GLU B 265 31.02 29.41 -0.57
CA GLU B 265 32.44 29.73 -0.34
C GLU B 265 32.89 30.92 -1.19
N ASN B 266 32.41 30.98 -2.42
CA ASN B 266 32.66 32.14 -3.26
C ASN B 266 31.47 33.08 -2.99
N GLN B 267 31.67 34.09 -2.14
CA GLN B 267 30.52 34.88 -1.67
C GLN B 267 29.97 35.73 -2.80
N ALA B 268 30.84 36.05 -3.76
CA ALA B 268 30.44 36.83 -4.94
C ALA B 268 29.38 36.11 -5.75
N GLY B 269 29.26 34.80 -5.53
CA GLY B 269 28.22 34.02 -6.18
C GLY B 269 26.81 34.55 -5.95
N PHE B 270 26.56 35.17 -4.79
CA PHE B 270 25.24 35.73 -4.49
C PHE B 270 24.92 37.03 -5.24
N ARG B 271 25.90 37.62 -5.90
CA ARG B 271 25.62 38.85 -6.67
C ARG B 271 24.64 38.58 -7.80
N LEU B 272 24.80 37.44 -8.46
CA LEU B 272 23.91 37.10 -9.59
C LEU B 272 22.49 36.80 -9.11
N ILE B 273 22.35 36.26 -7.91
CA ILE B 273 21.02 35.94 -7.41
C ILE B 273 20.27 37.24 -7.10
N ARG B 274 20.96 38.10 -6.36
CA ARG B 274 20.46 39.37 -5.88
C ARG B 274 20.06 40.24 -7.07
N GLN B 275 20.84 40.13 -8.14
CA GLN B 275 20.58 40.85 -9.37
C GLN B 275 19.30 40.38 -10.06
N HIS B 276 18.97 39.10 -9.93
CA HIS B 276 17.87 38.54 -10.71
C HIS B 276 16.56 38.27 -9.96
N THR B 277 16.53 38.44 -8.65
CA THR B 277 15.27 38.18 -7.93
C THR B 277 15.18 39.04 -6.69
N THR B 278 13.95 39.37 -6.29
CA THR B 278 13.69 40.01 -5.01
C THR B 278 13.22 39.03 -3.93
N THR B 279 13.18 37.75 -4.27
CA THR B 279 12.93 36.76 -3.23
C THR B 279 14.03 36.92 -2.15
N PRO B 280 13.62 37.00 -0.88
CA PRO B 280 14.64 37.21 0.15
C PRO B 280 15.57 36.02 0.34
N LEU B 281 16.83 36.29 0.65
CA LEU B 281 17.83 35.21 0.68
C LEU B 281 18.35 34.95 2.08
N ALA B 282 18.55 33.67 2.41
CA ALA B 282 19.13 33.29 3.71
C ALA B 282 20.25 32.31 3.43
N VAL B 283 21.30 32.34 4.25
CA VAL B 283 22.40 31.41 4.10
C VAL B 283 23.24 31.38 5.36
N GLY B 284 23.90 30.26 5.62
CA GLY B 284 24.99 30.24 6.59
C GLY B 284 24.94 29.34 7.82
N GLU B 285 24.02 28.38 7.87
CA GLU B 285 24.00 27.47 9.03
C GLU B 285 25.40 26.84 9.22
N ILE B 286 26.16 26.70 8.15
CA ILE B 286 27.45 26.01 8.26
C ILE B 286 28.64 26.93 8.53
N PHE B 287 28.40 28.24 8.49
CA PHE B 287 29.50 29.21 8.67
C PHE B 287 30.15 29.10 10.06
N SER B 288 31.46 29.24 10.13
CA SER B 288 32.21 29.13 11.37
CA SER B 288 32.12 29.14 11.42
C SER B 288 32.66 30.48 11.92
N HIS B 289 32.65 31.51 11.07
CA HIS B 289 33.22 32.79 11.47
C HIS B 289 32.79 33.90 10.53
N VAL B 290 33.03 35.13 10.96
CA VAL B 290 32.61 36.29 10.19
C VAL B 290 33.21 36.30 8.80
N TRP B 291 34.37 35.67 8.62
CA TRP B 291 35.04 35.70 7.31
C TRP B 291 34.27 34.89 6.25
N ASP B 292 33.37 34.03 6.69
CA ASP B 292 32.52 33.25 5.78
C ASP B 292 31.37 34.08 5.20
N CYS B 293 31.10 35.25 5.78
CA CYS B 293 29.92 36.00 5.37
C CYS B 293 30.14 37.50 5.29
N LYS B 294 31.38 37.94 5.40
CA LYS B 294 31.64 39.39 5.38
C LYS B 294 31.24 40.05 4.05
N GLN B 295 31.57 39.41 2.93
CA GLN B 295 31.21 39.96 1.64
C GLN B 295 29.70 39.91 1.42
N LEU B 296 29.10 38.75 1.70
CA LEU B 296 27.66 38.58 1.64
C LEU B 296 26.95 39.70 2.37
N ILE B 297 27.45 40.02 3.55
CA ILE B 297 26.78 41.01 4.36
C ILE B 297 27.07 42.43 3.87
N GLU B 298 28.34 42.73 3.64
CA GLU B 298 28.68 44.11 3.33
C GLU B 298 28.18 44.52 1.95
N GLU B 299 27.91 43.56 1.06
CA GLU B 299 27.32 43.94 -0.24
C GLU B 299 25.79 43.77 -0.26
N GLN B 300 25.21 43.54 0.91
CA GLN B 300 23.77 43.40 1.03
C GLN B 300 23.24 42.29 0.11
N LEU B 301 23.98 41.18 0.04
CA LEU B 301 23.61 40.08 -0.86
C LEU B 301 22.59 39.15 -0.24
N ILE B 302 22.41 39.25 1.08
CA ILE B 302 21.49 38.39 1.79
C ILE B 302 20.63 39.19 2.76
N ASP B 303 19.51 38.60 3.16
CA ASP B 303 18.59 39.22 4.12
C ASP B 303 18.67 38.60 5.49
N TYR B 304 18.96 37.30 5.55
CA TYR B 304 19.00 36.60 6.83
C TYR B 304 20.26 35.77 6.96
N LEU B 305 20.97 35.95 8.07
CA LEU B 305 22.17 35.14 8.36
C LEU B 305 21.80 33.96 9.27
N ARG B 306 22.17 32.77 8.84
CA ARG B 306 21.73 31.54 9.49
C ARG B 306 22.74 31.00 10.48
N ALA B 307 23.88 31.67 10.63
CA ALA B 307 24.95 31.16 11.48
C ALA B 307 24.47 31.06 12.92
N THR B 308 25.03 30.12 13.67
CA THR B 308 24.57 29.89 15.05
C THR B 308 25.62 30.10 16.11
N VAL B 309 25.19 30.19 17.37
CA VAL B 309 26.12 30.28 18.47
C VAL B 309 26.90 28.99 18.58
N LEU B 310 26.34 27.89 18.08
CA LEU B 310 27.03 26.59 18.20
C LEU B 310 28.20 26.48 17.23
N HIS B 311 27.95 26.79 15.96
CA HIS B 311 28.95 26.51 14.93
C HIS B 311 29.79 27.71 14.49
N ALA B 312 29.45 28.89 15.00
CA ALA B 312 30.17 30.11 14.68
C ALA B 312 30.84 30.77 15.90
N GLY B 313 31.17 30.00 16.93
CA GLY B 313 32.05 30.51 17.96
C GLY B 313 31.38 31.13 19.18
N GLY B 314 30.13 30.74 19.42
CA GLY B 314 29.48 31.12 20.67
C GLY B 314 28.74 32.45 20.64
N ILE B 315 28.22 32.84 21.79
CA ILE B 315 27.47 34.06 21.99
C ILE B 315 28.33 35.29 21.72
N THR B 316 29.55 35.25 22.21
CA THR B 316 30.49 36.33 22.03
C THR B 316 30.62 36.65 20.54
N ASN B 317 30.86 35.63 19.73
CA ASN B 317 31.14 35.91 18.32
C ASN B 317 29.89 36.23 17.50
N LEU B 318 28.79 35.54 17.80
CA LEU B 318 27.58 35.78 17.01
C LEU B 318 27.00 37.17 17.28
N ARG B 319 27.20 37.70 18.48
CA ARG B 319 26.77 39.07 18.76
C ARG B 319 27.54 40.08 17.93
N LYS B 320 28.83 39.87 17.78
CA LYS B 320 29.66 40.72 16.92
C LYS B 320 29.20 40.63 15.47
N ILE B 321 28.94 39.42 15.02
CA ILE B 321 28.47 39.25 13.64
C ILE B 321 27.10 39.92 13.41
N ALA B 322 26.20 39.78 14.37
CA ALA B 322 24.86 40.33 14.26
C ALA B 322 24.89 41.87 14.25
N ALA B 323 25.88 42.45 14.90
CA ALA B 323 26.01 43.92 14.93
C ALA B 323 26.50 44.40 13.56
N PHE B 324 27.46 43.67 13.00
CA PHE B 324 27.94 43.97 11.67
C PHE B 324 26.78 43.82 10.66
N ALA B 325 26.02 42.73 10.79
CA ALA B 325 24.84 42.49 9.96
C ALA B 325 23.87 43.66 9.98
N ASP B 326 23.67 44.22 11.18
CA ASP B 326 22.63 45.24 11.38
C ASP B 326 22.95 46.56 10.66
N LEU B 327 24.20 46.73 10.22
CA LEU B 327 24.56 47.92 9.43
C LEU B 327 24.17 47.75 7.96
N HIS B 328 23.78 46.53 7.59
CA HIS B 328 23.52 46.23 6.17
C HIS B 328 22.15 45.60 5.93
N HIS B 329 21.20 45.93 6.79
CA HIS B 329 19.85 45.43 6.66
C HIS B 329 19.77 43.90 6.74
N VAL B 330 20.76 43.26 7.36
CA VAL B 330 20.69 41.80 7.53
C VAL B 330 20.16 41.45 8.93
N ARG B 331 19.35 40.40 9.00
CA ARG B 331 18.70 39.95 10.21
C ARG B 331 19.03 38.49 10.54
N THR B 332 18.90 38.11 11.79
CA THR B 332 19.26 36.76 12.22
C THR B 332 18.23 35.71 11.87
N GLY B 333 18.67 34.58 11.34
CA GLY B 333 17.79 33.47 11.07
C GLY B 333 18.47 32.22 11.50
N CYS B 334 18.71 32.08 12.79
CA CYS B 334 19.52 31.02 13.30
C CYS B 334 18.98 29.64 12.98
N HIS B 335 19.91 28.79 12.57
CA HIS B 335 19.67 27.40 12.27
C HIS B 335 19.23 26.79 13.58
N GLY B 336 18.32 25.83 13.51
CA GLY B 336 17.79 25.17 14.68
C GLY B 336 17.43 23.70 14.54
N ALA B 337 18.19 22.96 13.77
CA ALA B 337 17.87 21.54 13.52
C ALA B 337 18.19 20.74 14.79
N THR B 338 17.85 19.47 14.79
CA THR B 338 17.93 18.67 16.01
C THR B 338 19.37 18.49 16.49
N ASP B 339 20.33 18.62 15.58
CA ASP B 339 21.75 18.38 15.93
C ASP B 339 22.37 19.52 16.73
N LEU B 340 21.55 20.54 17.02
CA LEU B 340 21.90 21.55 18.00
C LEU B 340 21.14 21.18 19.27
N SER B 341 21.85 20.84 20.33
CA SER B 341 21.18 20.32 21.51
C SER B 341 20.38 21.41 22.22
N PRO B 342 19.61 21.03 23.25
CA PRO B 342 18.86 22.04 23.99
C PRO B 342 19.74 23.10 24.65
N ILE B 343 21.01 22.81 24.86
CA ILE B 343 21.91 23.81 25.41
C ILE B 343 22.15 24.90 24.35
N THR B 344 22.43 24.51 23.11
CA THR B 344 22.50 25.51 22.03
C THR B 344 21.19 26.27 21.95
N MET B 345 20.07 25.55 21.97
CA MET B 345 18.78 26.24 21.85
C MET B 345 18.55 27.26 22.96
N ALA B 346 18.89 26.90 24.20
CA ALA B 346 18.81 27.90 25.28
C ALA B 346 19.69 29.14 24.97
N ALA B 347 20.94 28.92 24.61
CA ALA B 347 21.80 30.04 24.22
C ALA B 347 21.24 30.86 23.06
N ALA B 348 20.75 30.17 22.03
CA ALA B 348 20.21 30.84 20.84
C ALA B 348 19.03 31.74 21.23
N LEU B 349 18.24 31.28 22.20
CA LEU B 349 17.03 31.98 22.61
C LEU B 349 17.34 33.23 23.39
N HIS B 350 18.37 33.17 24.26
CA HIS B 350 18.82 34.35 24.97
C HIS B 350 19.37 35.39 23.99
N PHE B 351 20.11 34.90 23.00
CA PHE B 351 20.60 35.75 21.93
C PHE B 351 19.42 36.35 21.16
N ASP B 352 18.49 35.50 20.75
CA ASP B 352 17.35 35.92 19.93
C ASP B 352 16.46 36.94 20.65
N LEU B 353 16.28 36.76 21.95
CA LEU B 353 15.35 37.63 22.66
C LEU B 353 15.94 39.02 22.76
N SER B 354 17.26 39.09 22.82
CA SER B 354 17.96 40.35 23.11
C SER B 354 18.61 41.04 21.90
N VAL B 355 18.67 40.34 20.77
CA VAL B 355 19.29 40.97 19.59
C VAL B 355 18.25 41.87 18.93
N SER B 356 18.66 43.07 18.49
CA SER B 356 17.67 43.96 17.87
C SER B 356 17.25 43.48 16.46
N ASN B 357 18.22 43.18 15.59
CA ASN B 357 17.88 42.74 14.23
C ASN B 357 17.56 41.25 14.16
N PHE B 358 16.60 40.80 14.96
CA PHE B 358 16.13 39.40 14.95
C PHE B 358 15.23 39.16 13.74
N GLY B 359 15.34 37.99 13.13
CA GLY B 359 14.48 37.67 11.98
C GLY B 359 13.53 36.53 12.29
N LEU B 360 14.10 35.39 12.62
CA LEU B 360 13.33 34.17 12.80
C LEU B 360 14.28 33.15 13.43
N GLN B 361 13.72 32.18 14.15
CA GLN B 361 14.50 31.10 14.77
C GLN B 361 13.98 29.74 14.28
N GLU B 362 14.85 28.87 13.79
CA GLU B 362 14.38 27.56 13.34
C GLU B 362 14.13 26.71 14.57
N TYR B 363 13.09 25.87 14.54
CA TYR B 363 12.80 25.04 15.71
C TYR B 363 12.35 23.64 15.31
N MET B 364 13.26 22.66 15.35
CA MET B 364 12.90 21.23 15.22
C MET B 364 12.77 20.62 16.62
N ARG B 365 11.72 19.85 16.88
CA ARG B 365 11.51 19.23 18.20
C ARG B 365 12.56 18.15 18.49
N HIS B 366 13.13 18.20 19.68
CA HIS B 366 14.01 17.14 20.15
C HIS B 366 13.14 15.98 20.65
N THR B 367 13.72 14.81 20.83
CA THR B 367 12.98 13.68 21.38
C THR B 367 12.80 13.89 22.88
N PRO B 368 11.82 13.20 23.47
CA PRO B 368 11.57 13.28 24.91
C PRO B 368 12.82 12.87 25.68
N GLU B 369 13.56 11.91 25.14
CA GLU B 369 14.78 11.45 25.80
C GLU B 369 15.82 12.58 25.84
N THR B 370 15.94 13.31 24.74
CA THR B 370 16.87 14.43 24.66
C THR B 370 16.45 15.50 25.65
N ASP B 371 15.14 15.77 25.72
CA ASP B 371 14.64 16.77 26.66
C ASP B 371 14.91 16.38 28.10
N ALA B 372 14.88 15.09 28.42
CA ALA B 372 15.16 14.62 29.77
C ALA B 372 16.64 14.72 30.14
N VAL B 373 17.52 14.47 29.17
CA VAL B 373 18.97 14.60 29.41
C VAL B 373 19.37 16.06 29.61
N PHE B 374 18.69 16.97 28.93
CA PHE B 374 19.04 18.38 29.01
C PHE B 374 17.85 19.21 29.50
N PRO B 375 17.50 19.06 30.79
CA PRO B 375 16.36 19.83 31.31
C PRO B 375 16.57 21.33 31.10
N HIS B 376 15.53 22.03 30.69
CA HIS B 376 15.68 23.44 30.34
C HIS B 376 14.43 24.20 30.73
N ALA B 377 14.58 25.52 30.80
CA ALA B 377 13.48 26.40 31.16
C ALA B 377 12.71 26.91 29.95
N TYR B 378 13.33 26.90 28.77
CA TYR B 378 12.67 27.50 27.60
C TYR B 378 11.44 26.73 27.22
N SER B 379 10.44 27.42 26.69
CA SER B 379 9.19 26.75 26.36
C SER B 379 8.55 27.34 25.12
N TYR B 380 7.63 26.56 24.54
CA TYR B 380 6.96 26.96 23.31
C TYR B 380 5.51 27.35 23.58
N LYS B 381 5.04 28.41 22.93
CA LYS B 381 3.63 28.77 22.97
C LYS B 381 3.22 29.68 21.80
N ASP B 382 2.12 29.35 21.14
CA ASP B 382 1.54 30.21 20.12
CA ASP B 382 1.55 30.26 20.15
C ASP B 382 2.56 30.67 19.08
N GLY B 383 3.34 29.73 18.57
CA GLY B 383 4.29 30.05 17.49
C GLY B 383 5.55 30.77 17.94
N MET B 384 5.76 30.86 19.26
CA MET B 384 6.94 31.50 19.84
C MET B 384 7.67 30.60 20.82
N LEU B 385 9.01 30.72 20.87
CA LEU B 385 9.79 30.21 22.01
C LEU B 385 10.18 31.37 22.93
N HIS B 386 10.48 31.05 24.18
CA HIS B 386 11.00 32.01 25.14
C HIS B 386 12.06 31.33 25.98
N PRO B 387 13.19 32.01 26.25
CA PRO B 387 14.31 31.35 26.92
C PRO B 387 14.00 31.04 28.38
N GLY B 388 13.00 31.71 28.94
CA GLY B 388 12.65 31.53 30.36
C GLY B 388 13.37 32.50 31.28
N GLU B 389 13.01 32.50 32.57
CA GLU B 389 13.56 33.45 33.54
C GLU B 389 14.57 32.86 34.52
N ALA B 390 14.95 31.61 34.34
CA ALA B 390 15.99 31.01 35.17
C ALA B 390 17.35 31.70 34.98
N PRO B 391 18.17 31.78 36.05
CA PRO B 391 19.50 32.38 35.96
C PRO B 391 20.41 31.57 35.04
N GLY B 392 21.38 32.23 34.42
CA GLY B 392 22.27 31.51 33.48
C GLY B 392 21.54 31.24 32.17
N LEU B 393 21.97 30.20 31.46
CA LEU B 393 21.28 29.76 30.25
C LEU B 393 19.91 29.18 30.55
N GLY B 394 19.72 28.68 31.76
CA GLY B 394 18.48 28.01 32.12
C GLY B 394 18.47 26.59 31.55
N VAL B 395 19.63 25.94 31.56
CA VAL B 395 19.73 24.59 31.05
C VAL B 395 20.85 23.84 31.76
N ASP B 396 20.79 22.52 31.74
CA ASP B 396 21.82 21.73 32.37
C ASP B 396 21.88 20.35 31.73
N ILE B 397 22.94 19.60 31.98
CA ILE B 397 22.96 18.20 31.59
C ILE B 397 22.79 17.29 32.81
N ASP B 398 21.87 16.33 32.69
CA ASP B 398 21.72 15.31 33.71
C ASP B 398 22.72 14.19 33.40
N GLU B 399 23.85 14.20 34.09
CA GLU B 399 24.97 13.31 33.74
C GLU B 399 24.64 11.82 33.91
N ALA B 400 23.94 11.48 34.98
CA ALA B 400 23.58 10.08 35.24
C ALA B 400 22.70 9.60 34.10
N LEU B 401 21.71 10.38 33.74
CA LEU B 401 20.86 10.01 32.63
C LEU B 401 21.64 10.02 31.29
N ALA B 402 22.53 10.98 31.10
CA ALA B 402 23.28 11.01 29.84
C ALA B 402 24.02 9.68 29.65
N GLY B 403 24.59 9.18 30.75
CA GLY B 403 25.35 7.92 30.73
C GLY B 403 24.54 6.69 30.37
N GLN B 404 23.22 6.81 30.30
CA GLN B 404 22.40 5.66 29.89
C GLN B 404 22.38 5.49 28.38
N TYR B 405 22.87 6.49 27.64
CA TYR B 405 22.74 6.48 26.18
C TYR B 405 24.11 6.63 25.53
N PRO B 406 24.80 5.51 25.29
CA PRO B 406 26.13 5.59 24.68
C PRO B 406 26.13 6.15 23.26
N TYR B 407 27.23 6.80 22.90
CA TYR B 407 27.47 7.29 21.55
C TYR B 407 27.19 6.24 20.48
N LYS B 408 26.62 6.67 19.35
CA LYS B 408 26.36 5.76 18.25
C LYS B 408 26.74 6.46 16.92
N ARG B 409 27.74 5.95 16.20
CA ARG B 409 28.17 6.69 15.03
CA ARG B 409 28.20 6.59 14.95
C ARG B 409 27.06 6.84 13.97
N ALA B 410 26.93 8.06 13.46
CA ALA B 410 25.91 8.35 12.45
C ALA B 410 26.33 9.51 11.53
N TYR B 411 26.33 9.24 10.23
CA TYR B 411 26.79 10.20 9.21
C TYR B 411 25.64 10.99 8.57
N LEU B 412 25.91 12.23 8.22
CA LEU B 412 25.04 12.97 7.32
C LEU B 412 25.10 12.32 5.93
N PRO B 413 24.01 12.40 5.15
CA PRO B 413 23.97 11.82 3.80
C PRO B 413 24.88 12.56 2.82
N VAL B 414 25.08 11.97 1.64
CA VAL B 414 25.78 12.63 0.54
C VAL B 414 24.88 12.59 -0.69
N ASN B 415 25.26 13.31 -1.72
CA ASN B 415 24.39 13.54 -2.87
C ASN B 415 25.26 13.49 -4.13
N ARG B 416 24.79 12.83 -5.17
CA ARG B 416 25.54 12.77 -6.43
C ARG B 416 24.59 13.08 -7.59
N LEU B 417 25.14 13.61 -8.68
CA LEU B 417 24.32 13.86 -9.86
C LEU B 417 23.96 12.54 -10.55
N GLU B 418 23.11 12.62 -11.56
CA GLU B 418 22.65 11.43 -12.27
C GLU B 418 23.79 10.61 -12.90
N ASP B 419 24.90 11.27 -13.24
CA ASP B 419 26.04 10.55 -13.83
C ASP B 419 27.03 10.02 -12.80
N GLY B 420 26.75 10.22 -11.51
CA GLY B 420 27.71 9.84 -10.46
C GLY B 420 28.57 10.98 -9.92
N THR B 421 28.57 12.14 -10.56
CA THR B 421 29.40 13.24 -10.06
C THR B 421 29.11 13.53 -8.57
N MET B 422 30.17 13.69 -7.78
CA MET B 422 29.99 14.08 -6.39
C MET B 422 29.37 15.47 -6.36
N TYR B 423 28.33 15.64 -5.56
CA TYR B 423 27.62 16.91 -5.52
C TYR B 423 27.35 17.38 -4.07
N ASN B 424 26.42 18.31 -3.91
CA ASN B 424 26.15 18.89 -2.61
C ASN B 424 24.90 18.29 -1.99
N TRP B 425 25.00 17.79 -0.76
CA TRP B 425 23.80 17.34 -0.05
C TRP B 425 23.19 18.49 0.73
N MET C 23 28.46 -1.30 -13.58
CA MET C 23 28.01 -2.42 -12.70
C MET C 23 26.52 -2.30 -12.39
N LEU C 24 25.79 -3.39 -12.54
CA LEU C 24 24.37 -3.39 -12.18
C LEU C 24 24.18 -3.66 -10.67
N LYS C 25 24.05 -2.59 -9.89
CA LYS C 25 23.89 -2.73 -8.44
C LYS C 25 22.44 -2.90 -7.97
N ILE C 26 22.27 -3.67 -6.88
CA ILE C 26 21.01 -3.79 -6.19
C ILE C 26 20.89 -2.57 -5.29
N ILE C 27 19.89 -1.73 -5.51
CA ILE C 27 19.77 -0.52 -4.67
C ILE C 27 18.64 -0.63 -3.66
N ASP C 28 17.76 -1.60 -3.84
CA ASP C 28 16.67 -1.81 -2.88
C ASP C 28 16.20 -3.26 -2.90
N ALA C 29 15.65 -3.71 -1.78
CA ALA C 29 15.03 -5.02 -1.73
C ALA C 29 14.04 -4.94 -0.58
N LYS C 30 12.82 -5.43 -0.82
CA LYS C 30 11.78 -5.34 0.17
C LYS C 30 10.92 -6.60 0.15
N VAL C 31 10.38 -6.93 1.32
CA VAL C 31 9.53 -8.10 1.45
C VAL C 31 8.10 -7.61 1.61
N ILE C 32 7.21 -8.07 0.72
CA ILE C 32 5.79 -7.75 0.81
C ILE C 32 5.01 -8.99 1.26
N VAL C 33 4.12 -8.78 2.21
CA VAL C 33 3.27 -9.84 2.76
C VAL C 33 1.81 -9.52 2.45
N THR C 34 1.08 -10.46 1.87
CA THR C 34 -0.30 -10.19 1.45
C THR C 34 -1.16 -11.45 1.60
N CYS C 35 -2.47 -11.27 1.79
CA CYS C 35 -3.36 -12.44 1.92
C CYS C 35 -4.61 -12.42 1.00
N PRO C 36 -4.39 -12.46 -0.34
CA PRO C 36 -5.49 -12.49 -1.31
C PRO C 36 -6.15 -13.88 -1.41
N GLY C 37 -6.63 -14.37 -0.27
CA GLY C 37 -7.29 -15.66 -0.22
C GLY C 37 -6.46 -16.62 0.62
N ARG C 38 -5.17 -16.32 0.71
CA ARG C 38 -4.23 -17.03 1.59
C ARG C 38 -2.93 -16.22 1.61
N ASN C 39 -2.04 -16.53 2.55
CA ASN C 39 -0.83 -15.76 2.76
C ASN C 39 0.21 -16.03 1.68
N PHE C 40 0.84 -14.97 1.20
CA PHE C 40 1.99 -15.07 0.32
C PHE C 40 3.02 -14.06 0.78
N VAL C 41 4.28 -14.45 0.70
CA VAL C 41 5.37 -13.55 1.00
C VAL C 41 6.19 -13.38 -0.28
N THR C 42 6.58 -12.16 -0.57
CA THR C 42 7.26 -11.87 -1.84
C THR C 42 8.48 -10.96 -1.64
N LEU C 43 9.56 -11.25 -2.36
CA LEU C 43 10.74 -10.39 -2.39
C LEU C 43 10.76 -9.62 -3.71
N LYS C 44 11.02 -8.31 -3.63
CA LYS C 44 11.21 -7.52 -4.83
C LYS C 44 12.55 -6.83 -4.79
N ILE C 45 13.33 -7.02 -5.84
CA ILE C 45 14.66 -6.45 -5.90
C ILE C 45 14.63 -5.34 -6.96
N THR C 46 15.21 -4.19 -6.63
CA THR C 46 15.30 -3.10 -7.60
C THR C 46 16.75 -2.83 -7.87
N THR C 47 17.14 -2.76 -9.14
CA THR C 47 18.53 -2.48 -9.50
C THR C 47 18.71 -1.02 -9.91
N SER C 48 19.95 -0.59 -10.10
CA SER C 48 20.24 0.82 -10.29
C SER C 48 19.60 1.45 -11.54
N ASP C 49 19.25 0.64 -12.52
CA ASP C 49 18.62 1.16 -13.74
CA ASP C 49 18.62 1.14 -13.75
C ASP C 49 17.10 1.07 -13.70
N GLY C 50 16.56 0.63 -12.57
CA GLY C 50 15.10 0.55 -12.43
C GLY C 50 14.50 -0.81 -12.76
N VAL C 51 15.29 -1.68 -13.36
CA VAL C 51 14.83 -3.03 -13.63
C VAL C 51 14.59 -3.75 -12.30
N THR C 52 13.41 -4.34 -12.15
CA THR C 52 13.08 -5.00 -10.89
C THR C 52 12.88 -6.50 -11.10
N GLY C 53 13.01 -7.27 -10.02
CA GLY C 53 12.77 -8.72 -10.06
C GLY C 53 11.98 -9.13 -8.83
N VAL C 54 11.16 -10.16 -8.96
CA VAL C 54 10.41 -10.67 -7.80
C VAL C 54 10.67 -12.16 -7.60
N GLY C 55 10.56 -12.60 -6.35
CA GLY C 55 10.63 -14.02 -6.04
C GLY C 55 9.65 -14.37 -4.94
N ASP C 56 9.08 -15.57 -5.01
CA ASP C 56 8.18 -16.06 -3.99
C ASP C 56 9.00 -16.53 -2.79
N ALA C 57 8.53 -16.23 -1.57
CA ALA C 57 9.21 -16.68 -0.36
C ALA C 57 8.22 -17.29 0.65
N THR C 58 7.09 -17.77 0.13
CA THR C 58 6.00 -18.30 0.97
C THR C 58 6.35 -19.65 1.58
N LEU C 59 6.27 -19.75 2.90
CA LEU C 59 6.43 -21.02 3.59
C LEU C 59 5.16 -21.27 4.41
N ASN C 60 4.26 -22.07 3.84
CA ASN C 60 2.92 -22.25 4.37
C ASN C 60 2.92 -22.58 5.85
N GLY C 61 2.27 -21.73 6.64
CA GLY C 61 2.14 -22.00 8.07
C GLY C 61 3.29 -21.50 8.94
N ARG C 62 4.33 -20.99 8.30
CA ARG C 62 5.48 -20.44 9.00
C ARG C 62 5.95 -19.18 8.30
N GLU C 63 5.02 -18.44 7.70
CA GLU C 63 5.37 -17.42 6.72
C GLU C 63 6.26 -16.33 7.26
N LEU C 64 5.98 -15.90 8.50
CA LEU C 64 6.68 -14.75 9.09
C LEU C 64 8.13 -15.06 9.43
N ALA C 65 8.47 -16.34 9.60
CA ALA C 65 9.88 -16.64 9.90
C ALA C 65 10.73 -16.33 8.70
N VAL C 66 10.19 -16.57 7.50
CA VAL C 66 10.93 -16.25 6.28
C VAL C 66 10.98 -14.73 6.08
N VAL C 67 9.87 -14.04 6.40
CA VAL C 67 9.84 -12.57 6.34
C VAL C 67 11.02 -11.99 7.11
N SER C 68 11.19 -12.45 8.34
CA SER C 68 12.30 -12.00 9.16
C SER C 68 13.68 -12.47 8.66
N TYR C 69 13.78 -13.74 8.27
CA TYR C 69 15.05 -14.24 7.75
C TYR C 69 15.51 -13.29 6.62
N LEU C 70 14.57 -12.87 5.78
CA LEU C 70 14.91 -11.96 4.67
C LEU C 70 15.18 -10.51 5.13
N ARG C 71 14.17 -9.89 5.76
CA ARG C 71 14.23 -8.49 6.17
C ARG C 71 15.34 -8.17 7.18
N ASP C 72 15.46 -9.02 8.19
CA ASP C 72 16.33 -8.73 9.32
C ASP C 72 17.77 -9.22 9.12
N HIS C 73 17.97 -10.10 8.14
CA HIS C 73 19.26 -10.77 7.99
C HIS C 73 19.81 -10.79 6.58
N MET C 74 19.11 -11.39 5.64
CA MET C 74 19.64 -11.46 4.28
C MET C 74 19.67 -10.13 3.51
N ILE C 75 18.57 -9.37 3.52
CA ILE C 75 18.46 -8.20 2.64
C ILE C 75 19.56 -7.15 2.87
N PRO C 76 19.92 -6.90 4.15
CA PRO C 76 21.01 -5.95 4.34
C PRO C 76 22.32 -6.38 3.68
N CYS C 77 22.54 -7.68 3.51
CA CYS C 77 23.75 -8.16 2.83
C CYS C 77 23.59 -8.06 1.33
N LEU C 78 22.35 -7.89 0.89
CA LEU C 78 22.00 -7.91 -0.51
C LEU C 78 22.25 -6.54 -1.15
N ILE C 79 21.95 -5.49 -0.40
CA ILE C 79 22.04 -4.14 -0.96
C ILE C 79 23.46 -3.83 -1.44
N GLY C 80 23.59 -3.26 -2.62
CA GLY C 80 24.90 -2.85 -3.12
C GLY C 80 25.61 -3.94 -3.92
N ARG C 81 25.11 -5.16 -3.84
CA ARG C 81 25.70 -6.25 -4.58
C ARG C 81 25.44 -6.15 -6.06
N ASP C 82 26.36 -6.71 -6.83
CA ASP C 82 26.18 -6.87 -8.28
C ASP C 82 25.09 -7.89 -8.60
N ALA C 83 23.96 -7.42 -9.12
CA ALA C 83 22.81 -8.29 -9.44
C ALA C 83 23.10 -9.36 -10.48
N HIS C 84 24.12 -9.17 -11.32
CA HIS C 84 24.43 -10.18 -12.33
C HIS C 84 24.99 -11.48 -11.74
N ARG C 85 25.59 -11.41 -10.55
CA ARG C 85 26.30 -12.56 -9.99
CA ARG C 85 26.30 -12.56 -9.99
C ARG C 85 25.37 -13.48 -9.23
N ILE C 86 24.54 -14.21 -9.99
CA ILE C 86 23.50 -15.07 -9.38
C ILE C 86 24.08 -16.25 -8.56
N GLU C 87 25.01 -16.99 -9.17
CA GLU C 87 25.63 -18.13 -8.50
C GLU C 87 26.39 -17.68 -7.24
N ASP C 88 27.11 -16.56 -7.35
CA ASP C 88 27.90 -16.07 -6.22
C ASP C 88 27.05 -15.70 -5.01
N VAL C 89 25.95 -14.99 -5.25
CA VAL C 89 25.09 -14.62 -4.13
C VAL C 89 24.42 -15.87 -3.59
N TRP C 90 24.11 -16.82 -4.48
CA TRP C 90 23.56 -18.09 -4.05
C TRP C 90 24.50 -18.76 -3.05
N GLN C 91 25.76 -18.95 -3.44
CA GLN C 91 26.75 -19.52 -2.54
C GLN C 91 26.96 -18.65 -1.30
N PHE C 92 26.96 -17.34 -1.48
CA PHE C 92 27.16 -16.43 -0.34
C PHE C 92 26.15 -16.70 0.75
N PHE C 93 24.88 -16.81 0.38
CA PHE C 93 23.84 -17.02 1.36
C PHE C 93 23.79 -18.44 1.87
N TYR C 94 23.99 -19.39 0.97
CA TYR C 94 23.93 -20.78 1.35
C TYR C 94 25.05 -21.09 2.34
N ARG C 95 26.28 -20.71 2.00
CA ARG C 95 27.41 -20.95 2.90
C ARG C 95 27.46 -19.93 4.02
N GLY C 96 27.14 -18.68 3.70
CA GLY C 96 27.38 -17.58 4.65
C GLY C 96 26.51 -17.58 5.89
N SER C 97 25.39 -18.27 5.84
CA SER C 97 24.49 -18.35 7.00
C SER C 97 25.10 -19.21 8.10
N TYR C 98 26.12 -19.98 7.73
CA TYR C 98 26.83 -20.85 8.66
C TYR C 98 26.02 -22.08 9.07
N TRP C 99 24.86 -21.83 9.66
CA TRP C 99 23.87 -22.88 9.83
C TRP C 99 23.33 -23.09 8.43
N ARG C 100 23.48 -24.29 7.89
CA ARG C 100 23.22 -24.50 6.47
C ARG C 100 21.88 -25.12 6.15
N GLY C 101 21.24 -24.65 5.09
CA GLY C 101 20.00 -25.26 4.59
C GLY C 101 18.80 -25.11 5.48
N GLY C 102 17.85 -26.04 5.39
CA GLY C 102 16.61 -25.95 6.15
C GLY C 102 15.55 -25.14 5.39
N PRO C 103 14.26 -25.43 5.64
CA PRO C 103 13.18 -24.86 4.81
C PRO C 103 13.15 -23.33 4.89
N VAL C 104 13.52 -22.76 6.03
CA VAL C 104 13.41 -21.30 6.17
C VAL C 104 14.49 -20.60 5.36
N ALA C 105 15.73 -21.01 5.54
CA ALA C 105 16.84 -20.41 4.78
C ALA C 105 16.71 -20.64 3.28
N MET C 106 16.37 -21.87 2.89
CA MET C 106 16.32 -22.20 1.46
C MET C 106 15.15 -21.58 0.72
N THR C 107 14.06 -21.34 1.45
CA THR C 107 12.89 -20.66 0.86
C THR C 107 13.21 -19.19 0.69
N ALA C 108 13.93 -18.64 1.66
CA ALA C 108 14.37 -17.24 1.58
C ALA C 108 15.36 -17.05 0.44
N LEU C 109 16.24 -18.03 0.25
CA LEU C 109 17.24 -17.98 -0.80
C LEU C 109 16.56 -18.16 -2.16
N ALA C 110 15.56 -19.03 -2.20
CA ALA C 110 14.79 -19.24 -3.42
C ALA C 110 14.23 -17.92 -3.92
N ALA C 111 13.74 -17.09 -3.00
CA ALA C 111 13.18 -15.79 -3.40
C ALA C 111 14.25 -14.89 -4.02
N VAL C 112 15.44 -14.89 -3.43
CA VAL C 112 16.51 -14.06 -3.97
C VAL C 112 16.82 -14.54 -5.39
N ASP C 113 16.94 -15.85 -5.53
CA ASP C 113 17.40 -16.45 -6.75
C ASP C 113 16.37 -16.27 -7.89
N MET C 114 15.09 -16.42 -7.58
CA MET C 114 14.04 -16.21 -8.57
C MET C 114 14.09 -14.75 -9.05
N ALA C 115 14.19 -13.82 -8.10
CA ALA C 115 14.25 -12.37 -8.43
C ALA C 115 15.46 -12.02 -9.31
N LEU C 116 16.64 -12.54 -8.97
CA LEU C 116 17.82 -12.30 -9.81
C LEU C 116 17.69 -12.90 -11.22
N TRP C 117 17.11 -14.10 -11.35
CA TRP C 117 16.88 -14.67 -12.67
C TRP C 117 15.82 -13.87 -13.46
N ASP C 118 14.80 -13.35 -12.76
CA ASP C 118 13.81 -12.47 -13.38
C ASP C 118 14.58 -11.30 -14.02
N ILE C 119 15.37 -10.63 -13.19
CA ILE C 119 16.18 -9.49 -13.65
C ILE C 119 17.09 -9.87 -14.81
N LYS C 120 17.76 -11.01 -14.70
CA LYS C 120 18.72 -11.42 -15.72
C LYS C 120 18.07 -11.55 -17.10
N ALA C 121 16.92 -12.24 -17.13
CA ALA C 121 16.17 -12.46 -18.36
C ALA C 121 15.57 -11.18 -18.93
N LYS C 122 15.10 -10.27 -18.07
CA LYS C 122 14.65 -8.94 -18.53
C LYS C 122 15.77 -8.20 -19.24
N LEU C 123 16.94 -8.19 -18.61
CA LEU C 123 18.12 -7.53 -19.16
C LEU C 123 18.46 -8.14 -20.49
N ALA C 124 18.31 -9.46 -20.60
CA ALA C 124 18.61 -10.19 -21.82
C ALA C 124 17.54 -9.95 -22.86
N GLY C 125 16.39 -9.45 -22.41
CA GLY C 125 15.25 -9.24 -23.29
C GLY C 125 14.57 -10.53 -23.71
N MET C 126 14.52 -11.52 -22.82
CA MET C 126 14.00 -12.83 -23.22
C MET C 126 13.17 -13.40 -22.10
N PRO C 127 12.20 -14.26 -22.45
CA PRO C 127 11.59 -15.05 -21.40
C PRO C 127 12.69 -15.93 -20.77
N LEU C 128 12.58 -16.20 -19.47
CA LEU C 128 13.60 -16.91 -18.72
C LEU C 128 13.94 -18.27 -19.33
N TYR C 129 12.94 -19.01 -19.79
CA TYR C 129 13.24 -20.35 -20.32
C TYR C 129 14.30 -20.29 -21.41
N GLN C 130 14.44 -19.13 -22.06
CA GLN C 130 15.39 -19.02 -23.18
C GLN C 130 16.81 -19.00 -22.66
N LEU C 131 16.97 -18.64 -21.38
CA LEU C 131 18.31 -18.60 -20.78
C LEU C 131 18.67 -19.98 -20.19
N LEU C 132 17.67 -20.85 -20.03
CA LEU C 132 17.91 -22.13 -19.35
C LEU C 132 17.98 -23.32 -20.31
N GLY C 133 18.31 -23.05 -21.57
CA GLY C 133 18.43 -24.11 -22.55
C GLY C 133 17.41 -24.02 -23.66
N GLY C 134 16.44 -23.11 -23.52
CA GLY C 134 15.36 -22.97 -24.49
C GLY C 134 14.28 -24.01 -24.25
N ALA C 135 13.24 -24.00 -25.09
CA ALA C 135 12.11 -24.91 -24.94
C ALA C 135 12.43 -26.34 -25.38
N CYS C 136 12.00 -27.30 -24.59
CA CYS C 136 12.17 -28.71 -24.90
C CYS C 136 10.85 -29.36 -25.28
N ARG C 137 9.76 -28.59 -25.21
CA ARG C 137 8.43 -29.15 -25.44
C ARG C 137 7.52 -27.97 -25.73
N GLU C 138 6.31 -28.27 -26.22
CA GLU C 138 5.39 -27.22 -26.66
C GLU C 138 4.61 -26.60 -25.50
N GLY C 139 4.51 -27.32 -24.39
CA GLY C 139 3.77 -26.82 -23.25
C GLY C 139 4.02 -27.76 -22.10
N VAL C 140 3.48 -27.43 -20.94
CA VAL C 140 3.78 -28.17 -19.72
C VAL C 140 2.55 -28.91 -19.22
N MET C 141 2.60 -30.23 -19.30
CA MET C 141 1.47 -31.03 -18.92
C MET C 141 1.22 -30.89 -17.42
N VAL C 142 -0.04 -30.74 -17.01
CA VAL C 142 -0.38 -30.54 -15.60
C VAL C 142 -1.34 -31.61 -15.09
N TYR C 143 -1.52 -31.66 -13.78
CA TYR C 143 -2.61 -32.45 -13.24
C TYR C 143 -3.42 -31.63 -12.27
N GLY C 144 -4.71 -31.93 -12.22
CA GLY C 144 -5.62 -31.25 -11.34
C GLY C 144 -6.04 -32.19 -10.23
N HIS C 145 -6.86 -31.69 -9.32
CA HIS C 145 -7.18 -32.43 -8.10
C HIS C 145 -8.66 -32.78 -7.99
N ALA C 146 -8.98 -34.05 -8.26
CA ALA C 146 -10.33 -34.53 -8.01
C ALA C 146 -10.40 -35.08 -6.60
N ASN C 147 -11.33 -34.58 -5.80
CA ASN C 147 -11.55 -35.18 -4.49
C ASN C 147 -13.04 -35.24 -4.18
N GLY C 148 -13.43 -36.16 -3.33
CA GLY C 148 -14.83 -36.26 -2.87
C GLY C 148 -14.91 -37.15 -1.65
N GLU C 149 -16.03 -37.10 -0.93
CA GLU C 149 -16.19 -37.88 0.29
C GLU C 149 -16.38 -39.36 -0.03
N THR C 150 -16.92 -39.63 -1.20
CA THR C 150 -17.13 -41.01 -1.61
C THR C 150 -16.44 -41.24 -2.94
N ILE C 151 -16.32 -42.50 -3.30
CA ILE C 151 -15.65 -42.88 -4.53
C ILE C 151 -16.37 -42.28 -5.74
N GLU C 152 -17.71 -42.39 -5.74
CA GLU C 152 -18.51 -41.86 -6.84
C GLU C 152 -18.34 -40.35 -6.98
N ASP C 153 -18.27 -39.65 -5.85
CA ASP C 153 -18.03 -38.20 -5.86
C ASP C 153 -16.69 -37.86 -6.51
N THR C 154 -15.65 -38.55 -6.07
CA THR C 154 -14.32 -38.30 -6.63
C THR C 154 -14.31 -38.53 -8.13
N ILE C 155 -14.91 -39.63 -8.58
CA ILE C 155 -14.98 -39.92 -10.02
C ILE C 155 -15.79 -38.85 -10.76
N ALA C 156 -16.87 -38.35 -10.17
CA ALA C 156 -17.63 -37.30 -10.84
C ALA C 156 -16.75 -36.04 -11.02
N GLU C 157 -15.92 -35.74 -10.03
CA GLU C 157 -14.97 -34.63 -10.16
C GLU C 157 -13.93 -34.91 -11.25
N ALA C 158 -13.35 -36.10 -11.23
CA ALA C 158 -12.40 -36.43 -12.28
C ALA C 158 -13.01 -36.20 -13.67
N ARG C 159 -14.29 -36.50 -13.84
CA ARG C 159 -14.96 -36.26 -15.12
CA ARG C 159 -14.92 -36.27 -15.15
C ARG C 159 -14.90 -34.80 -15.51
N LYS C 160 -15.14 -33.92 -14.54
CA LYS C 160 -15.08 -32.49 -14.81
C LYS C 160 -13.72 -32.15 -15.40
N TYR C 161 -12.67 -32.60 -14.71
CA TYR C 161 -11.31 -32.34 -15.15
C TYR C 161 -11.05 -32.83 -16.59
N GLN C 162 -11.53 -34.04 -16.91
CA GLN C 162 -11.38 -34.55 -18.28
C GLN C 162 -12.06 -33.64 -19.30
N ALA C 163 -13.29 -33.23 -18.98
CA ALA C 163 -14.03 -32.34 -19.84
C ALA C 163 -13.23 -31.06 -20.07
N LEU C 164 -12.47 -30.64 -19.06
CA LEU C 164 -11.63 -29.44 -19.20
C LEU C 164 -10.33 -29.71 -19.96
N GLY C 165 -10.15 -30.91 -20.47
CA GLY C 165 -8.95 -31.23 -21.25
C GLY C 165 -7.75 -31.68 -20.43
N TYR C 166 -7.93 -31.89 -19.13
CA TYR C 166 -6.84 -32.43 -18.33
C TYR C 166 -6.46 -33.86 -18.75
N LYS C 167 -5.16 -34.06 -18.94
CA LYS C 167 -4.64 -35.36 -19.27
C LYS C 167 -4.19 -36.20 -18.06
N ALA C 168 -4.10 -35.57 -16.90
CA ALA C 168 -3.65 -36.23 -15.69
C ALA C 168 -4.44 -35.69 -14.52
N ILE C 169 -4.80 -36.57 -13.59
CA ILE C 169 -5.68 -36.18 -12.51
C ILE C 169 -5.30 -36.88 -11.23
N ARG C 170 -5.16 -36.12 -10.15
CA ARG C 170 -4.95 -36.75 -8.86
C ARG C 170 -6.28 -37.10 -8.19
N LEU C 171 -6.41 -38.33 -7.73
CA LEU C 171 -7.64 -38.74 -7.07
C LEU C 171 -7.46 -38.94 -5.57
N GLN C 172 -8.27 -38.28 -4.78
CA GLN C 172 -8.31 -38.53 -3.34
C GLN C 172 -9.75 -38.66 -2.90
N SER C 173 -10.03 -39.65 -2.07
CA SER C 173 -11.39 -39.89 -1.62
C SER C 173 -11.44 -40.06 -0.11
N GLY C 174 -12.58 -39.72 0.49
CA GLY C 174 -12.77 -39.94 1.92
C GLY C 174 -12.60 -41.41 2.24
N VAL C 175 -12.12 -41.70 3.43
CA VAL C 175 -11.95 -43.09 3.87
C VAL C 175 -13.14 -43.47 4.77
N PRO C 176 -13.89 -44.51 4.39
CA PRO C 176 -15.03 -44.98 5.16
C PRO C 176 -14.64 -45.26 6.61
N GLY C 177 -15.32 -44.61 7.56
CA GLY C 177 -15.06 -44.81 8.98
C GLY C 177 -14.13 -43.78 9.60
N LEU C 178 -13.61 -42.87 8.78
CA LEU C 178 -12.75 -41.79 9.27
C LEU C 178 -13.39 -40.45 8.98
N PRO C 179 -13.48 -39.58 9.99
CA PRO C 179 -14.06 -38.25 9.81
C PRO C 179 -13.45 -37.49 8.63
N SER C 180 -12.17 -37.72 8.34
CA SER C 180 -11.50 -37.02 7.24
C SER C 180 -10.16 -37.66 6.80
N THR C 181 -9.70 -37.28 5.61
CA THR C 181 -8.37 -37.68 5.11
C THR C 181 -7.79 -36.52 4.29
N TYR C 182 -6.56 -36.67 3.80
CA TYR C 182 -5.98 -35.62 2.97
C TYR C 182 -6.55 -35.55 1.54
N GLY C 183 -6.54 -34.34 0.97
CA GLY C 183 -6.91 -34.11 -0.43
C GLY C 183 -8.40 -34.05 -0.73
N VAL C 184 -9.22 -34.33 0.30
CA VAL C 184 -10.68 -34.32 0.16
C VAL C 184 -11.31 -33.22 1.02
N SER C 185 -12.06 -32.33 0.37
CA SER C 185 -12.70 -31.23 1.09
C SER C 185 -13.85 -30.64 0.28
N GLY C 186 -14.39 -29.53 0.77
CA GLY C 186 -15.44 -28.80 0.07
C GLY C 186 -14.91 -27.89 -1.03
N ASP C 187 -13.67 -28.15 -1.45
CA ASP C 187 -13.05 -27.39 -2.54
C ASP C 187 -12.77 -28.28 -3.75
N LYS C 188 -13.10 -27.76 -4.94
CA LYS C 188 -13.11 -28.55 -6.18
C LYS C 188 -11.90 -28.35 -7.10
N MET C 189 -11.68 -27.11 -7.56
CA MET C 189 -10.60 -26.79 -8.50
C MET C 189 -9.24 -26.65 -7.79
N PHE C 190 -9.28 -26.66 -6.47
CA PHE C 190 -8.07 -26.63 -5.65
C PHE C 190 -8.29 -27.37 -4.33
N TYR C 191 -7.45 -27.07 -3.35
CA TYR C 191 -7.53 -27.68 -2.03
C TYR C 191 -6.74 -26.83 -1.03
N GLU C 192 -7.44 -26.13 -0.15
CA GLU C 192 -6.83 -25.15 0.73
C GLU C 192 -6.79 -25.60 2.19
N PRO C 193 -5.84 -26.49 2.54
CA PRO C 193 -5.81 -27.13 3.86
C PRO C 193 -5.47 -26.20 5.03
N ALA C 194 -4.67 -25.15 4.78
CA ALA C 194 -4.30 -24.20 5.84
C ALA C 194 -5.47 -23.29 6.17
N ASP C 195 -6.39 -23.78 7.00
CA ASP C 195 -7.67 -23.11 7.23
C ASP C 195 -7.86 -22.68 8.69
N GLY C 196 -6.90 -23.06 9.54
CA GLY C 196 -7.10 -22.92 10.98
C GLY C 196 -6.31 -21.80 11.61
N ASN C 197 -7.00 -20.99 12.42
CA ASN C 197 -6.37 -20.02 13.29
C ASN C 197 -5.52 -20.76 14.30
N LEU C 198 -5.81 -22.05 14.45
CA LEU C 198 -4.96 -23.01 15.13
C LEU C 198 -5.03 -24.29 14.28
N PRO C 199 -3.99 -25.13 14.34
CA PRO C 199 -3.99 -26.29 13.44
C PRO C 199 -5.18 -27.21 13.70
N THR C 200 -5.94 -27.51 12.65
CA THR C 200 -7.04 -28.47 12.74
C THR C 200 -6.50 -29.89 13.01
N GLU C 201 -7.03 -30.55 14.04
CA GLU C 201 -6.57 -31.90 14.43
C GLU C 201 -7.40 -32.97 13.70
N ASN C 202 -6.74 -33.89 13.01
CA ASN C 202 -7.46 -35.00 12.37
C ASN C 202 -7.13 -36.32 13.03
N VAL C 203 -7.96 -37.33 12.80
CA VAL C 203 -7.66 -38.69 13.28
C VAL C 203 -7.37 -39.63 12.11
N TRP C 204 -6.52 -40.62 12.34
CA TRP C 204 -6.02 -41.44 11.22
C TRP C 204 -6.02 -42.95 11.50
N SER C 205 -6.38 -43.72 10.47
CA SER C 205 -6.29 -45.18 10.53
C SER C 205 -5.71 -45.78 9.22
N THR C 206 -4.45 -46.20 9.30
CA THR C 206 -3.77 -46.78 8.15
C THR C 206 -4.53 -47.98 7.63
N SER C 207 -4.95 -48.86 8.54
CA SER C 207 -5.64 -50.07 8.14
CA SER C 207 -5.64 -50.06 8.13
C SER C 207 -6.87 -49.77 7.27
N LYS C 208 -7.67 -48.79 7.67
CA LYS C 208 -8.89 -48.49 6.90
C LYS C 208 -8.50 -47.92 5.54
N TYR C 209 -7.44 -47.13 5.51
CA TYR C 209 -7.00 -46.52 4.28
C TYR C 209 -6.47 -47.56 3.33
N LEU C 210 -5.71 -48.51 3.86
CA LEU C 210 -5.06 -49.50 3.00
C LEU C 210 -6.05 -50.33 2.18
N LYS C 211 -7.18 -50.66 2.79
CA LYS C 211 -8.20 -51.44 2.09
C LYS C 211 -8.99 -50.62 1.09
N HIS C 212 -9.13 -49.33 1.38
CA HIS C 212 -9.98 -48.47 0.59
C HIS C 212 -9.36 -47.94 -0.71
N ALA C 213 -8.11 -47.52 -0.65
CA ALA C 213 -7.47 -46.84 -1.79
C ALA C 213 -7.54 -47.64 -3.08
N PRO C 214 -7.26 -48.96 -3.00
CA PRO C 214 -7.32 -49.71 -4.25
C PRO C 214 -8.71 -49.70 -4.85
N LYS C 215 -9.74 -49.64 -4.02
CA LYS C 215 -11.13 -49.61 -4.51
C LYS C 215 -11.41 -48.34 -5.30
N LEU C 216 -10.86 -47.23 -4.82
CA LEU C 216 -10.97 -45.96 -5.51
C LEU C 216 -10.47 -46.08 -6.92
N PHE C 217 -9.27 -46.66 -7.08
CA PHE C 217 -8.63 -46.70 -8.40
C PHE C 217 -9.21 -47.76 -9.33
N GLU C 218 -9.64 -48.87 -8.77
CA GLU C 218 -10.41 -49.84 -9.53
C GLU C 218 -11.66 -49.19 -10.18
N ALA C 219 -12.46 -48.51 -9.37
CA ALA C 219 -13.65 -47.83 -9.89
C ALA C 219 -13.27 -46.68 -10.82
N ALA C 220 -12.20 -45.97 -10.50
CA ALA C 220 -11.74 -44.90 -11.36
C ALA C 220 -11.39 -45.41 -12.75
N ARG C 221 -10.70 -46.53 -12.84
CA ARG C 221 -10.35 -47.05 -14.17
C ARG C 221 -11.59 -47.46 -14.97
N GLU C 222 -12.53 -48.12 -14.32
CA GLU C 222 -13.77 -48.51 -14.99
C GLU C 222 -14.51 -47.29 -15.56
N ALA C 223 -14.57 -46.23 -14.78
CA ALA C 223 -15.31 -45.04 -15.19
C ALA C 223 -14.57 -44.18 -16.19
N LEU C 224 -13.24 -44.07 -16.06
CA LEU C 224 -12.53 -43.04 -16.82
C LEU C 224 -11.70 -43.59 -17.97
N GLY C 225 -11.55 -44.90 -18.03
CA GLY C 225 -10.71 -45.52 -19.06
C GLY C 225 -9.20 -45.48 -18.79
N ASP C 226 -8.42 -45.93 -19.75
CA ASP C 226 -7.01 -46.23 -19.53
C ASP C 226 -6.04 -45.15 -19.97
N ASP C 227 -6.53 -44.17 -20.72
CA ASP C 227 -5.64 -43.16 -21.29
C ASP C 227 -5.27 -42.04 -20.33
N VAL C 228 -6.21 -41.68 -19.46
CA VAL C 228 -5.93 -40.64 -18.51
C VAL C 228 -4.83 -41.08 -17.55
N HIS C 229 -3.93 -40.17 -17.20
CA HIS C 229 -2.93 -40.46 -16.19
C HIS C 229 -3.55 -40.21 -14.82
N LEU C 230 -3.48 -41.20 -13.92
CA LEU C 230 -4.07 -41.09 -12.56
C LEU C 230 -2.99 -41.10 -11.50
N LEU C 231 -3.11 -40.22 -10.50
CA LEU C 231 -2.08 -40.04 -9.49
C LEU C 231 -2.74 -40.14 -8.11
N HIS C 232 -1.93 -40.43 -7.10
CA HIS C 232 -2.45 -40.51 -5.72
C HIS C 232 -1.38 -40.06 -4.74
N ASP C 233 -1.77 -39.27 -3.75
CA ASP C 233 -0.85 -38.75 -2.75
C ASP C 233 -1.14 -39.45 -1.42
N VAL C 234 -0.19 -40.23 -0.93
CA VAL C 234 -0.36 -40.94 0.33
C VAL C 234 -0.17 -39.98 1.50
N HIS C 235 0.50 -38.88 1.23
CA HIS C 235 0.70 -37.83 2.23
C HIS C 235 1.35 -38.32 3.54
N HIS C 236 2.44 -39.07 3.39
CA HIS C 236 3.37 -39.37 4.48
C HIS C 236 2.88 -40.40 5.49
N ARG C 237 1.83 -41.13 5.18
CA ARG C 237 1.14 -41.86 6.24
C ARG C 237 1.44 -43.36 6.42
N LEU C 238 2.30 -43.94 5.59
CA LEU C 238 2.58 -45.37 5.74
C LEU C 238 4.00 -45.64 6.22
N THR C 239 4.28 -46.90 6.55
CA THR C 239 5.64 -47.35 6.73
C THR C 239 6.03 -48.03 5.40
N PRO C 240 7.33 -48.29 5.19
CA PRO C 240 7.77 -48.83 3.91
C PRO C 240 7.08 -50.15 3.50
N ILE C 241 6.93 -51.09 4.43
CA ILE C 241 6.31 -52.35 4.04
C ILE C 241 4.83 -52.15 3.70
N GLU C 242 4.21 -51.19 4.37
CA GLU C 242 2.81 -50.87 4.04
C GLU C 242 2.71 -50.23 2.65
N ALA C 243 3.62 -49.32 2.34
CA ALA C 243 3.65 -48.68 1.03
C ALA C 243 3.97 -49.66 -0.08
N GLY C 244 4.81 -50.65 0.22
CA GLY C 244 5.08 -51.73 -0.74
C GLY C 244 3.79 -52.46 -1.04
N ARG C 245 3.01 -52.74 0.00
CA ARG C 245 1.74 -53.43 -0.20
C ARG C 245 0.73 -52.56 -0.98
N LEU C 246 0.60 -51.29 -0.62
CA LEU C 246 -0.29 -50.42 -1.40
C LEU C 246 0.15 -50.31 -2.88
N GLY C 247 1.43 -50.06 -3.12
CA GLY C 247 1.93 -49.98 -4.51
C GLY C 247 1.51 -51.23 -5.27
N LYS C 248 1.68 -52.38 -4.63
CA LYS C 248 1.33 -53.64 -5.28
C LYS C 248 -0.17 -53.74 -5.57
N ASP C 249 -1.00 -53.38 -4.57
CA ASP C 249 -2.43 -53.44 -4.77
C ASP C 249 -2.88 -52.52 -5.88
N LEU C 250 -2.10 -51.48 -6.16
CA LEU C 250 -2.47 -50.47 -7.15
C LEU C 250 -1.91 -50.74 -8.56
N GLU C 251 -1.04 -51.74 -8.69
CA GLU C 251 -0.41 -51.98 -10.01
C GLU C 251 -1.42 -52.22 -11.11
N PRO C 252 -2.56 -52.88 -10.79
CA PRO C 252 -3.49 -53.19 -11.88
C PRO C 252 -4.03 -51.95 -12.54
N TYR C 253 -3.98 -50.82 -11.84
CA TYR C 253 -4.58 -49.55 -12.29
C TYR C 253 -3.54 -48.60 -12.88
N ARG C 254 -2.29 -49.05 -12.85
CA ARG C 254 -1.20 -48.36 -13.53
C ARG C 254 -1.16 -46.85 -13.25
N LEU C 255 -0.98 -46.47 -11.99
CA LEU C 255 -0.88 -45.04 -11.65
C LEU C 255 0.36 -44.35 -12.25
N PHE C 256 0.20 -43.07 -12.59
CA PHE C 256 1.33 -42.29 -13.05
C PHE C 256 2.36 -42.19 -11.92
N TRP C 257 1.88 -42.00 -10.69
CA TRP C 257 2.75 -42.05 -9.52
C TRP C 257 1.98 -42.21 -8.22
N LEU C 258 2.70 -42.68 -7.21
CA LEU C 258 2.19 -42.83 -5.87
C LEU C 258 3.11 -41.94 -5.03
N GLU C 259 2.55 -40.91 -4.41
CA GLU C 259 3.35 -39.80 -3.92
C GLU C 259 3.49 -39.82 -2.39
N ASP C 260 4.66 -39.43 -1.90
CA ASP C 260 4.92 -39.27 -0.47
C ASP C 260 4.43 -40.46 0.36
N ALA C 261 4.79 -41.68 -0.06
CA ALA C 261 4.26 -42.87 0.54
C ALA C 261 4.63 -42.99 2.02
N VAL C 262 5.84 -42.54 2.37
CA VAL C 262 6.37 -42.67 3.74
C VAL C 262 7.19 -41.42 4.04
N PRO C 263 7.28 -41.04 5.32
CA PRO C 263 8.18 -39.94 5.69
C PRO C 263 9.59 -40.32 5.27
N ALA C 264 10.28 -39.39 4.62
CA ALA C 264 11.45 -39.72 3.84
C ALA C 264 12.80 -39.29 4.40
N GLU C 265 12.84 -38.91 5.68
CA GLU C 265 14.12 -38.49 6.26
C GLU C 265 15.14 -39.62 6.20
N ASN C 266 14.69 -40.84 6.48
CA ASN C 266 15.52 -42.02 6.25
C ASN C 266 15.27 -42.47 4.83
N GLN C 267 16.11 -42.02 3.90
CA GLN C 267 15.87 -42.29 2.49
C GLN C 267 15.93 -43.78 2.14
N ALA C 268 16.70 -44.54 2.93
CA ALA C 268 16.77 -45.99 2.75
C ALA C 268 15.38 -46.60 2.90
N GLY C 269 14.47 -45.88 3.55
CA GLY C 269 13.07 -46.38 3.70
C GLY C 269 12.43 -46.76 2.36
N PHE C 270 12.87 -46.14 1.27
CA PHE C 270 12.26 -46.41 -0.03
C PHE C 270 12.76 -47.70 -0.68
N ARG C 271 13.82 -48.27 -0.15
CA ARG C 271 14.34 -49.55 -0.66
C ARG C 271 13.29 -50.63 -0.56
N LEU C 272 12.61 -50.73 0.58
CA LEU C 272 11.57 -51.73 0.73
C LEU C 272 10.39 -51.49 -0.21
N ILE C 273 10.06 -50.23 -0.49
CA ILE C 273 8.94 -49.99 -1.37
C ILE C 273 9.34 -50.46 -2.78
N ARG C 274 10.54 -50.08 -3.19
CA ARG C 274 11.03 -50.37 -4.54
C ARG C 274 11.17 -51.88 -4.80
N GLN C 275 11.47 -52.62 -3.74
CA GLN C 275 11.66 -54.07 -3.76
CA GLN C 275 11.66 -54.06 -3.88
C GLN C 275 10.31 -54.77 -4.02
N HIS C 276 9.24 -54.16 -3.54
CA HIS C 276 7.93 -54.81 -3.53
C HIS C 276 6.90 -54.34 -4.56
N THR C 277 7.13 -53.22 -5.24
CA THR C 277 6.16 -52.75 -6.20
C THR C 277 6.81 -52.05 -7.39
N THR C 278 6.17 -52.18 -8.54
CA THR C 278 6.53 -51.44 -9.76
C THR C 278 5.62 -50.22 -9.96
N THR C 279 4.75 -49.93 -9.01
CA THR C 279 4.01 -48.65 -9.07
C THR C 279 5.03 -47.52 -8.97
N PRO C 280 4.99 -46.55 -9.91
CA PRO C 280 5.97 -45.47 -9.90
C PRO C 280 5.85 -44.58 -8.67
N LEU C 281 6.98 -44.09 -8.20
CA LEU C 281 7.02 -43.41 -6.91
C LEU C 281 7.47 -41.96 -7.08
N ALA C 282 6.79 -41.05 -6.37
CA ALA C 282 7.17 -39.64 -6.34
C ALA C 282 7.32 -39.16 -4.90
N VAL C 283 8.22 -38.22 -4.68
CA VAL C 283 8.42 -37.69 -3.32
C VAL C 283 9.12 -36.36 -3.36
N GLY C 284 8.89 -35.51 -2.35
CA GLY C 284 9.78 -34.39 -2.11
C GLY C 284 9.26 -32.96 -2.13
N GLU C 285 7.96 -32.76 -2.12
CA GLU C 285 7.45 -31.38 -2.10
C GLU C 285 8.06 -30.59 -0.94
N ILE C 286 8.37 -31.25 0.17
CA ILE C 286 8.92 -30.53 1.34
C ILE C 286 10.45 -30.45 1.32
N PHE C 287 11.10 -31.08 0.34
CA PHE C 287 12.58 -31.11 0.37
C PHE C 287 13.17 -29.71 0.23
N SER C 288 14.27 -29.41 0.92
CA SER C 288 14.85 -28.09 0.71
C SER C 288 16.23 -28.09 0.10
N HIS C 289 16.83 -29.27 -0.11
CA HIS C 289 18.14 -29.31 -0.75
C HIS C 289 18.43 -30.68 -1.33
N VAL C 290 19.50 -30.78 -2.10
CA VAL C 290 19.86 -32.04 -2.74
C VAL C 290 20.06 -33.13 -1.71
N TRP C 291 20.48 -32.74 -0.52
CA TRP C 291 20.84 -33.72 0.52
C TRP C 291 19.63 -34.46 1.03
N ASP C 292 18.44 -33.92 0.74
CA ASP C 292 17.19 -34.58 1.14
C ASP C 292 16.82 -35.71 0.20
N CYS C 293 17.46 -35.78 -0.98
CA CYS C 293 17.09 -36.77 -1.99
C CYS C 293 18.25 -37.45 -2.72
N LYS C 294 19.48 -37.19 -2.29
CA LYS C 294 20.62 -37.72 -3.00
C LYS C 294 20.62 -39.26 -2.99
N GLN C 295 20.30 -39.88 -1.86
CA GLN C 295 20.22 -41.34 -1.81
C GLN C 295 19.02 -41.87 -2.60
N LEU C 296 17.87 -41.20 -2.44
CA LEU C 296 16.66 -41.60 -3.21
C LEU C 296 16.99 -41.68 -4.70
N ILE C 297 17.67 -40.66 -5.20
CA ILE C 297 18.00 -40.57 -6.63
C ILE C 297 19.08 -41.56 -7.05
N GLU C 298 20.22 -41.56 -6.34
CA GLU C 298 21.37 -42.34 -6.81
C GLU C 298 21.10 -43.85 -6.72
N GLU C 299 20.14 -44.23 -5.88
CA GLU C 299 19.74 -45.65 -5.80
C GLU C 299 18.51 -45.94 -6.67
N GLN C 300 18.07 -44.96 -7.47
CA GLN C 300 16.88 -45.13 -8.31
C GLN C 300 15.68 -45.65 -7.52
N LEU C 301 15.49 -45.12 -6.34
CA LEU C 301 14.39 -45.53 -5.49
C LEU C 301 13.11 -44.75 -5.83
N ILE C 302 13.22 -43.74 -6.68
CA ILE C 302 12.05 -42.96 -7.08
C ILE C 302 12.03 -42.70 -8.56
N ASP C 303 10.84 -42.38 -9.07
CA ASP C 303 10.67 -42.00 -10.48
C ASP C 303 10.48 -40.50 -10.67
N TYR C 304 9.83 -39.84 -9.72
CA TYR C 304 9.57 -38.41 -9.84
C TYR C 304 9.99 -37.62 -8.61
N LEU C 305 10.71 -36.52 -8.83
CA LEU C 305 11.11 -35.68 -7.73
C LEU C 305 10.16 -34.47 -7.65
N ARG C 306 9.60 -34.22 -6.47
CA ARG C 306 8.52 -33.23 -6.34
C ARG C 306 9.02 -31.88 -5.83
N ALA C 307 10.33 -31.79 -5.61
CA ALA C 307 10.93 -30.59 -5.04
C ALA C 307 10.66 -29.38 -5.95
N THR C 308 10.59 -28.19 -5.36
CA THR C 308 10.21 -27.02 -6.17
C THR C 308 11.24 -25.91 -6.11
N VAL C 309 11.18 -25.00 -7.08
CA VAL C 309 12.06 -23.85 -7.09
C VAL C 309 11.83 -23.02 -5.82
N LEU C 310 10.64 -23.15 -5.22
CA LEU C 310 10.30 -22.31 -4.05
C LEU C 310 10.96 -22.81 -2.76
N HIS C 311 10.78 -24.08 -2.45
CA HIS C 311 11.27 -24.65 -1.22
C HIS C 311 12.63 -25.32 -1.26
N ALA C 312 13.19 -25.44 -2.45
CA ALA C 312 14.52 -26.05 -2.57
C ALA C 312 15.57 -25.08 -3.12
N GLY C 313 15.46 -23.79 -2.82
CA GLY C 313 16.54 -22.87 -3.12
C GLY C 313 16.64 -22.35 -4.56
N GLY C 314 15.49 -22.23 -5.23
CA GLY C 314 15.42 -21.44 -6.49
C GLY C 314 15.72 -22.18 -7.79
N ILE C 315 15.74 -21.43 -8.89
CA ILE C 315 16.04 -21.97 -10.21
C ILE C 315 17.45 -22.57 -10.24
N THR C 316 18.39 -21.86 -9.63
CA THR C 316 19.79 -22.26 -9.66
C THR C 316 19.93 -23.67 -9.07
N ASN C 317 19.33 -23.90 -7.92
CA ASN C 317 19.52 -25.18 -7.25
C ASN C 317 18.68 -26.27 -7.87
N LEU C 318 17.44 -25.98 -8.24
CA LEU C 318 16.59 -27.05 -8.78
C LEU C 318 17.14 -27.58 -10.10
N ARG C 319 17.76 -26.69 -10.87
CA ARG C 319 18.36 -27.13 -12.14
C ARG C 319 19.52 -28.08 -11.89
N LYS C 320 20.30 -27.80 -10.85
CA LYS C 320 21.42 -28.71 -10.51
C LYS C 320 20.89 -30.06 -10.09
N ILE C 321 19.88 -30.04 -9.23
CA ILE C 321 19.22 -31.27 -8.80
C ILE C 321 18.64 -32.10 -9.96
N ALA C 322 18.00 -31.43 -10.92
CA ALA C 322 17.40 -32.11 -12.07
C ALA C 322 18.44 -32.78 -12.98
N ALA C 323 19.60 -32.14 -13.10
CA ALA C 323 20.67 -32.69 -13.93
C ALA C 323 21.19 -33.96 -13.25
N PHE C 324 21.32 -33.90 -11.93
CA PHE C 324 21.69 -35.12 -11.16
C PHE C 324 20.60 -36.21 -11.30
N ALA C 325 19.35 -35.81 -11.14
CA ALA C 325 18.21 -36.75 -11.33
C ALA C 325 18.26 -37.45 -12.68
N ASP C 326 18.61 -36.70 -13.71
CA ASP C 326 18.59 -37.19 -15.09
C ASP C 326 19.63 -38.30 -15.35
N LEU C 327 20.57 -38.46 -14.44
CA LEU C 327 21.55 -39.53 -14.58
C LEU C 327 20.96 -40.86 -14.11
N HIS C 328 19.83 -40.78 -13.40
CA HIS C 328 19.29 -41.95 -12.69
C HIS C 328 17.84 -42.24 -13.03
N HIS C 329 17.43 -41.86 -14.25
CA HIS C 329 16.05 -42.06 -14.75
C HIS C 329 15.01 -41.37 -13.88
N VAL C 330 15.38 -40.31 -13.16
CA VAL C 330 14.39 -39.59 -12.37
C VAL C 330 13.95 -38.36 -13.15
N ARG C 331 12.66 -38.07 -13.11
CA ARG C 331 12.06 -36.94 -13.81
C ARG C 331 11.38 -35.96 -12.85
N THR C 332 11.19 -34.72 -13.31
CA THR C 332 10.56 -33.70 -12.47
C THR C 332 9.05 -33.82 -12.32
N GLY C 333 8.57 -33.71 -11.10
CA GLY C 333 7.15 -33.69 -10.81
C GLY C 333 6.86 -32.62 -9.78
N CYS C 334 7.12 -31.38 -10.13
CA CYS C 334 7.08 -30.31 -9.18
C CYS C 334 5.73 -30.11 -8.50
N HIS C 335 5.81 -29.88 -7.20
CA HIS C 335 4.70 -29.60 -6.33
C HIS C 335 4.13 -28.28 -6.84
N GLY C 336 2.82 -28.09 -6.70
CA GLY C 336 2.19 -26.92 -7.30
C GLY C 336 0.89 -26.55 -6.61
N ALA C 337 0.86 -26.69 -5.29
CA ALA C 337 -0.31 -26.35 -4.54
C ALA C 337 -0.47 -24.82 -4.46
N THR C 338 -1.60 -24.35 -3.96
CA THR C 338 -1.92 -22.92 -3.98
C THR C 338 -0.97 -22.08 -3.12
N ASP C 339 -0.27 -22.73 -2.19
CA ASP C 339 0.69 -22.01 -1.34
C ASP C 339 2.02 -21.69 -2.01
N LEU C 340 2.15 -22.10 -3.27
CA LEU C 340 3.21 -21.59 -4.13
C LEU C 340 2.56 -20.48 -4.97
N SER C 341 3.05 -19.25 -4.86
CA SER C 341 2.32 -18.16 -5.51
C SER C 341 2.51 -18.20 -7.02
N PRO C 342 1.73 -17.39 -7.76
CA PRO C 342 1.94 -17.32 -9.20
C PRO C 342 3.37 -16.96 -9.58
N ILE C 343 4.15 -16.36 -8.66
CA ILE C 343 5.58 -16.11 -8.99
C ILE C 343 6.36 -17.42 -9.05
N THR C 344 6.12 -18.31 -8.09
CA THR C 344 6.73 -19.63 -8.15
C THR C 344 6.26 -20.36 -9.40
N MET C 345 4.97 -20.28 -9.69
CA MET C 345 4.45 -21.03 -10.83
C MET C 345 5.12 -20.56 -12.10
N ALA C 346 5.34 -19.25 -12.21
CA ALA C 346 5.96 -18.71 -13.40
C ALA C 346 7.40 -19.27 -13.51
N ALA C 347 8.13 -19.21 -12.41
CA ALA C 347 9.50 -19.76 -12.37
C ALA C 347 9.49 -21.24 -12.70
N ALA C 348 8.55 -21.96 -12.08
CA ALA C 348 8.42 -23.39 -12.30
C ALA C 348 8.14 -23.74 -13.76
N LEU C 349 7.32 -22.93 -14.43
CA LEU C 349 6.94 -23.19 -15.81
C LEU C 349 8.12 -22.94 -16.76
N HIS C 350 8.88 -21.89 -16.49
CA HIS C 350 10.11 -21.65 -17.24
C HIS C 350 11.08 -22.82 -17.10
N PHE C 351 11.25 -23.30 -15.87
CA PHE C 351 12.06 -24.48 -15.57
C PHE C 351 11.50 -25.73 -16.29
N ASP C 352 10.18 -25.89 -16.24
CA ASP C 352 9.51 -27.07 -16.78
C ASP C 352 9.62 -27.13 -18.28
N LEU C 353 9.52 -25.97 -18.93
CA LEU C 353 9.54 -25.93 -20.40
C LEU C 353 10.93 -26.23 -20.95
N SER C 354 11.95 -25.92 -20.16
CA SER C 354 13.34 -25.99 -20.63
C SER C 354 14.12 -27.20 -20.10
N VAL C 355 13.61 -27.88 -19.08
CA VAL C 355 14.35 -29.02 -18.52
C VAL C 355 14.12 -30.28 -19.39
N SER C 356 15.14 -31.07 -19.67
CA SER C 356 14.87 -32.21 -20.56
C SER C 356 14.05 -33.31 -19.86
N ASN C 357 14.49 -33.71 -18.67
CA ASN C 357 13.79 -34.76 -17.93
C ASN C 357 12.56 -34.27 -17.18
N PHE C 358 11.65 -33.59 -17.89
CA PHE C 358 10.37 -33.16 -17.29
C PHE C 358 9.42 -34.33 -17.19
N GLY C 359 8.71 -34.44 -16.06
CA GLY C 359 7.73 -35.49 -15.86
C GLY C 359 6.31 -34.95 -15.91
N LEU C 360 5.98 -34.07 -14.98
CA LEU C 360 4.62 -33.55 -14.84
C LEU C 360 4.66 -32.33 -13.91
N GLN C 361 3.68 -31.44 -14.03
CA GLN C 361 3.57 -30.25 -13.17
C GLN C 361 2.19 -30.24 -12.49
N GLU C 362 2.18 -30.11 -11.17
CA GLU C 362 0.93 -30.00 -10.42
C GLU C 362 0.38 -28.57 -10.60
N TYR C 363 -0.94 -28.45 -10.71
CA TYR C 363 -1.55 -27.13 -10.88
C TYR C 363 -2.84 -27.02 -10.07
N MET C 364 -2.79 -26.39 -8.90
CA MET C 364 -4.04 -26.03 -8.22
C MET C 364 -4.32 -24.60 -8.63
N ARG C 365 -5.56 -24.29 -8.98
CA ARG C 365 -5.92 -22.91 -9.30
C ARG C 365 -5.86 -21.96 -8.11
N HIS C 366 -5.27 -20.79 -8.30
CA HIS C 366 -5.30 -19.73 -7.27
C HIS C 366 -6.62 -19.00 -7.37
N THR C 367 -6.96 -18.22 -6.34
CA THR C 367 -8.17 -17.39 -6.41
C THR C 367 -7.97 -16.23 -7.39
N PRO C 368 -9.08 -15.66 -7.86
CA PRO C 368 -9.00 -14.52 -8.79
C PRO C 368 -8.24 -13.37 -8.16
N GLU C 369 -8.38 -13.19 -6.85
CA GLU C 369 -7.68 -12.08 -6.18
C GLU C 369 -6.16 -12.31 -6.19
N THR C 370 -5.75 -13.57 -6.02
CA THR C 370 -4.34 -13.91 -6.08
C THR C 370 -3.81 -13.65 -7.49
N ASP C 371 -4.58 -14.06 -8.49
CA ASP C 371 -4.18 -13.78 -9.87
C ASP C 371 -4.00 -12.28 -10.15
N ALA C 372 -4.72 -11.43 -9.41
CA ALA C 372 -4.67 -9.99 -9.66
C ALA C 372 -3.50 -9.35 -8.95
N VAL C 373 -3.20 -9.83 -7.76
CA VAL C 373 -2.07 -9.31 -7.01
C VAL C 373 -0.76 -9.69 -7.68
N PHE C 374 -0.76 -10.83 -8.37
CA PHE C 374 0.41 -11.37 -9.05
C PHE C 374 0.17 -11.53 -10.57
N PRO C 375 0.00 -10.40 -11.28
CA PRO C 375 -0.26 -10.48 -12.72
C PRO C 375 0.81 -11.31 -13.44
N HIS C 376 0.39 -12.22 -14.30
CA HIS C 376 1.32 -13.13 -14.95
C HIS C 376 0.95 -13.39 -16.39
N ALA C 377 1.96 -13.77 -17.18
CA ALA C 377 1.75 -14.12 -18.58
C ALA C 377 1.41 -15.59 -18.80
N TYR C 378 1.70 -16.45 -17.83
CA TYR C 378 1.42 -17.87 -18.10
C TYR C 378 -0.07 -18.16 -18.22
N SER C 379 -0.41 -19.18 -19.02
CA SER C 379 -1.81 -19.50 -19.21
C SER C 379 -2.01 -20.97 -19.51
N TYR C 380 -3.25 -21.43 -19.30
CA TYR C 380 -3.67 -22.82 -19.47
C TYR C 380 -4.43 -23.08 -20.77
N LYS C 381 -4.17 -24.21 -21.41
CA LYS C 381 -4.97 -24.62 -22.56
C LYS C 381 -4.77 -26.10 -22.82
N ASP C 382 -5.86 -26.81 -23.07
CA ASP C 382 -5.81 -28.20 -23.54
C ASP C 382 -4.86 -29.04 -22.69
N GLY C 383 -4.97 -28.92 -21.37
CA GLY C 383 -4.24 -29.81 -20.44
C GLY C 383 -2.79 -29.43 -20.22
N MET C 384 -2.40 -28.25 -20.71
CA MET C 384 -1.04 -27.75 -20.58
C MET C 384 -0.98 -26.30 -20.10
N LEU C 385 0.05 -25.97 -19.33
CA LEU C 385 0.40 -24.59 -19.04
C LEU C 385 1.57 -24.16 -19.92
N HIS C 386 1.71 -22.87 -20.12
CA HIS C 386 2.86 -22.33 -20.84
C HIS C 386 3.26 -21.05 -20.13
N PRO C 387 4.58 -20.84 -19.95
CA PRO C 387 5.08 -19.70 -19.19
C PRO C 387 4.83 -18.34 -19.86
N GLY C 388 4.60 -18.32 -21.16
CA GLY C 388 4.42 -17.04 -21.85
C GLY C 388 5.72 -16.56 -22.48
N GLU C 389 5.65 -15.47 -23.23
CA GLU C 389 6.83 -14.98 -23.94
C GLU C 389 7.26 -13.60 -23.44
N ALA C 390 6.73 -13.19 -22.30
CA ALA C 390 7.15 -11.93 -21.69
C ALA C 390 8.62 -12.03 -21.28
N PRO C 391 9.35 -10.89 -21.28
CA PRO C 391 10.73 -10.90 -20.80
C PRO C 391 10.75 -11.22 -19.32
N GLY C 392 11.82 -11.85 -18.85
CA GLY C 392 11.93 -12.21 -17.45
C GLY C 392 11.07 -13.40 -17.10
N LEU C 393 10.59 -13.42 -15.87
CA LEU C 393 9.69 -14.48 -15.41
C LEU C 393 8.31 -14.32 -16.00
N GLY C 394 7.96 -13.11 -16.44
CA GLY C 394 6.59 -12.83 -16.89
C GLY C 394 5.59 -12.79 -15.74
N VAL C 395 5.99 -12.21 -14.62
CA VAL C 395 5.11 -12.08 -13.47
C VAL C 395 5.60 -10.87 -12.67
N ASP C 396 4.71 -10.26 -11.90
CA ASP C 396 5.10 -9.16 -11.03
C ASP C 396 4.22 -9.22 -9.80
N ILE C 397 4.52 -8.44 -8.77
CA ILE C 397 3.56 -8.21 -7.70
C ILE C 397 3.02 -6.78 -7.81
N ASP C 398 1.70 -6.65 -7.70
CA ASP C 398 1.06 -5.36 -7.67
C ASP C 398 1.06 -4.95 -6.20
N GLU C 399 2.02 -4.10 -5.82
CA GLU C 399 2.21 -3.73 -4.43
C GLU C 399 1.00 -3.07 -3.83
N ALA C 400 0.38 -2.17 -4.57
CA ALA C 400 -0.78 -1.45 -4.04
C ALA C 400 -1.90 -2.44 -3.75
N LEU C 401 -2.21 -3.30 -4.70
CA LEU C 401 -3.32 -4.21 -4.51
C LEU C 401 -3.01 -5.18 -3.39
N ALA C 402 -1.73 -5.54 -3.28
CA ALA C 402 -1.30 -6.47 -2.24
C ALA C 402 -1.65 -5.90 -0.86
N GLY C 403 -1.47 -4.59 -0.72
CA GLY C 403 -1.76 -3.89 0.53
C GLY C 403 -3.22 -3.91 0.93
N GLN C 404 -4.11 -4.27 0.01
CA GLN C 404 -5.55 -4.36 0.33
C GLN C 404 -5.88 -5.61 1.12
N TYR C 405 -4.92 -6.52 1.22
CA TYR C 405 -5.18 -7.81 1.85
C TYR C 405 -4.14 -8.10 2.91
N PRO C 406 -4.43 -7.71 4.16
CA PRO C 406 -3.43 -7.89 5.21
C PRO C 406 -3.22 -9.36 5.60
N TYR C 407 -2.05 -9.67 6.13
CA TYR C 407 -1.72 -11.01 6.61
C TYR C 407 -2.77 -11.56 7.57
N LYS C 408 -3.16 -12.82 7.39
CA LYS C 408 -4.09 -13.47 8.32
C LYS C 408 -3.51 -14.83 8.71
N ARG C 409 -3.17 -14.98 9.99
CA ARG C 409 -2.51 -16.19 10.47
C ARG C 409 -3.31 -17.44 10.11
N ALA C 410 -2.66 -18.47 9.57
CA ALA C 410 -3.36 -19.71 9.26
C ALA C 410 -2.41 -20.92 9.21
N TYR C 411 -2.82 -22.03 9.83
CA TYR C 411 -1.96 -23.21 10.02
C TYR C 411 -2.32 -24.42 9.15
N LEU C 412 -1.30 -25.18 8.74
CA LEU C 412 -1.56 -26.51 8.18
C LEU C 412 -2.14 -27.41 9.29
N PRO C 413 -2.98 -28.38 8.91
CA PRO C 413 -3.59 -29.30 9.85
C PRO C 413 -2.58 -30.30 10.42
N VAL C 414 -2.95 -30.98 11.48
CA VAL C 414 -2.13 -32.04 12.02
C VAL C 414 -2.98 -33.29 12.10
N ASN C 415 -2.33 -34.40 12.41
CA ASN C 415 -2.95 -35.68 12.26
C ASN C 415 -2.42 -36.56 13.39
N ARG C 416 -3.32 -37.26 14.07
CA ARG C 416 -2.96 -38.18 15.15
C ARG C 416 -3.60 -39.53 14.87
N LEU C 417 -2.99 -40.59 15.39
CA LEU C 417 -3.55 -41.91 15.29
C LEU C 417 -4.77 -42.00 16.20
N GLU C 418 -5.49 -43.12 16.10
CA GLU C 418 -6.70 -43.33 16.89
C GLU C 418 -6.46 -43.32 18.39
N ASP C 419 -5.26 -43.65 18.84
CA ASP C 419 -4.94 -43.57 20.28
C ASP C 419 -4.44 -42.19 20.73
N GLY C 420 -4.32 -41.25 19.78
CA GLY C 420 -3.84 -39.91 20.10
C GLY C 420 -2.36 -39.66 19.77
N THR C 421 -1.62 -40.71 19.40
CA THR C 421 -0.21 -40.53 19.01
C THR C 421 -0.04 -39.46 17.91
N MET C 422 0.81 -38.48 18.16
CA MET C 422 1.17 -37.51 17.12
C MET C 422 1.64 -38.25 15.85
N TYR C 423 1.07 -37.89 14.71
CA TYR C 423 1.43 -38.57 13.48
C TYR C 423 1.63 -37.56 12.35
N ASN C 424 1.72 -38.06 11.12
CA ASN C 424 2.04 -37.20 9.97
C ASN C 424 0.79 -36.77 9.24
N TRP C 425 0.67 -35.47 8.97
CA TRP C 425 -0.47 -35.01 8.19
C TRP C 425 -0.12 -34.96 6.70
#